data_2DLD
#
_entry.id   2DLD
#
_cell.length_a   86.200
_cell.length_b   62.100
_cell.length_c   77.400
_cell.angle_alpha   90.00
_cell.angle_beta   113.20
_cell.angle_gamma   90.00
#
_symmetry.space_group_name_H-M   'P 1 21 1'
#
loop_
_entity.id
_entity.type
_entity.pdbx_description
1 polymer 'D-LACTATE DEHYDROGENASE'
2 non-polymer '1,4-DIHYDRONICOTINAMIDE ADENINE DINUCLEOTIDE'
3 non-polymer 'OXAMIC ACID'
#
_entity_poly.entity_id   1
_entity_poly.type   'polypeptide(L)'
_entity_poly.pdbx_seq_one_letter_code
;MTKVFAYAIRKDEEPFLNEWKEAHKDIDVDYTDKLLTPETAKLAKGADGVVVYQQLDYTADTLQALADAGVTKMSLRNVG
VDNIDMDKAKELGFQITNVPVYSPNAIAEHAAIQAARVLRQDKRMDEKMAKRDLRWAPTIGREVRDQVVGVVGTGHIGQV
FMRIMEGFGAKVIAYDIFKNPELEKKGYYVDSLDDLYKQADVISLHVPDVPANVHMINDKSIAEMKDGVVIVNCSRGRLV
DTDAVIRGLDSGKIFGFVMDTYEDEVGVFNKDWEGKEFPDKRLADLIDRPNVLVTPHTAFYTTHAVRNMVVKAFNNNLKL
INGEKPDSPVALNKNKF
;
_entity_poly.pdbx_strand_id   A,B
#
# COMPACT_ATOMS: atom_id res chain seq x y z
N MET A 1 -17.70 44.08 4.81
CA MET A 1 -16.32 44.40 4.44
C MET A 1 -15.29 44.11 5.54
N THR A 2 -14.42 43.20 5.23
CA THR A 2 -13.30 42.75 6.03
C THR A 2 -12.20 42.30 5.06
N LYS A 3 -10.92 42.41 5.42
CA LYS A 3 -9.91 41.96 4.48
C LYS A 3 -8.84 41.10 5.12
N VAL A 4 -8.63 39.97 4.46
CA VAL A 4 -7.59 39.01 4.82
C VAL A 4 -6.84 38.79 3.50
N PHE A 5 -5.53 38.82 3.50
CA PHE A 5 -4.75 38.55 2.31
C PHE A 5 -3.87 37.31 2.55
N ALA A 6 -3.93 36.40 1.59
CA ALA A 6 -3.22 35.15 1.65
C ALA A 6 -1.95 35.10 0.83
N TYR A 7 -0.88 34.59 1.46
CA TYR A 7 0.41 34.42 0.84
C TYR A 7 0.88 32.98 0.69
N ALA A 8 1.26 32.59 -0.51
CA ALA A 8 1.73 31.27 -0.86
C ALA A 8 0.60 30.26 -1.10
N ILE A 9 -0.54 30.73 -1.58
CA ILE A 9 -1.70 29.89 -1.86
C ILE A 9 -1.45 28.95 -3.03
N ARG A 10 -1.26 27.66 -2.72
CA ARG A 10 -1.04 26.68 -3.81
C ARG A 10 -2.33 26.51 -4.60
N LYS A 11 -2.24 25.89 -5.78
CA LYS A 11 -3.47 25.63 -6.53
C LYS A 11 -4.37 24.67 -5.73
N ASP A 12 -3.74 23.72 -5.07
CA ASP A 12 -4.43 22.72 -4.27
C ASP A 12 -5.13 23.30 -3.06
N GLU A 13 -4.80 24.54 -2.74
CA GLU A 13 -5.40 25.26 -1.62
C GLU A 13 -6.57 26.11 -2.08
N GLU A 14 -6.47 26.55 -3.32
CA GLU A 14 -7.46 27.37 -3.98
C GLU A 14 -8.89 27.04 -3.58
N PRO A 15 -9.41 25.89 -3.94
CA PRO A 15 -10.75 25.45 -3.66
C PRO A 15 -11.15 25.45 -2.21
N PHE A 16 -10.24 25.14 -1.29
CA PHE A 16 -10.60 25.14 0.15
C PHE A 16 -10.95 26.55 0.60
N LEU A 17 -10.16 27.52 0.16
CA LEU A 17 -10.32 28.93 0.44
C LEU A 17 -11.69 29.46 -0.02
N ASN A 18 -12.21 28.85 -1.07
CA ASN A 18 -13.47 29.12 -1.70
C ASN A 18 -14.61 28.69 -0.73
N GLU A 19 -14.60 27.39 -0.44
CA GLU A 19 -15.60 26.84 0.47
C GLU A 19 -15.66 27.71 1.74
N TRP A 20 -14.46 28.14 2.18
CA TRP A 20 -14.45 28.96 3.39
C TRP A 20 -14.91 30.38 3.06
N LYS A 21 -14.59 30.86 1.87
CA LYS A 21 -15.09 32.22 1.49
C LYS A 21 -16.55 31.98 1.05
N GLU A 22 -16.68 30.88 0.30
CA GLU A 22 -17.99 30.44 -0.19
C GLU A 22 -19.02 30.58 0.93
N ALA A 23 -18.66 30.16 2.14
CA ALA A 23 -19.58 30.25 3.27
C ALA A 23 -19.44 31.55 4.04
N HIS A 24 -18.25 32.05 4.28
CA HIS A 24 -18.02 33.24 5.05
C HIS A 24 -18.39 34.55 4.36
N LYS A 25 -19.57 34.66 3.90
CA LYS A 25 -20.32 35.64 3.25
C LYS A 25 -19.90 37.10 3.33
N ASP A 26 -19.68 37.56 4.55
CA ASP A 26 -19.35 38.93 4.85
C ASP A 26 -17.90 39.33 4.74
N ILE A 27 -16.92 38.42 4.73
CA ILE A 27 -15.54 38.85 4.68
C ILE A 27 -15.00 39.02 3.26
N ASP A 28 -14.03 39.95 3.14
CA ASP A 28 -13.34 40.19 1.89
C ASP A 28 -12.01 39.40 1.90
N VAL A 29 -11.91 38.50 0.93
CA VAL A 29 -10.78 37.60 0.81
C VAL A 29 -10.08 37.57 -0.52
N ASP A 30 -8.76 37.79 -0.53
CA ASP A 30 -7.90 37.75 -1.68
C ASP A 30 -6.49 37.25 -1.32
N TYR A 31 -5.94 36.43 -2.22
CA TYR A 31 -4.62 35.86 -2.08
C TYR A 31 -3.72 36.33 -3.24
N THR A 32 -2.75 35.46 -3.52
CA THR A 32 -1.82 35.74 -4.63
C THR A 32 -0.83 34.60 -4.70
N ASP A 33 0.09 34.56 -5.62
CA ASP A 33 1.03 33.48 -5.80
C ASP A 33 2.42 33.64 -5.22
N LYS A 34 3.01 34.83 -5.24
CA LYS A 34 4.37 35.01 -4.72
C LYS A 34 4.39 34.92 -3.20
N LEU A 35 5.43 34.26 -2.68
CA LEU A 35 5.55 34.16 -1.22
C LEU A 35 5.57 35.58 -0.67
N LEU A 36 5.23 35.74 0.60
CA LEU A 36 5.24 37.07 1.23
C LEU A 36 6.70 37.55 1.33
N THR A 37 6.97 38.54 0.47
CA THR A 37 8.29 39.14 0.35
C THR A 37 8.29 40.55 0.94
N PRO A 38 9.40 40.93 1.55
CA PRO A 38 9.51 42.29 2.11
C PRO A 38 8.87 43.21 1.07
N GLU A 39 9.14 42.88 -0.19
CA GLU A 39 8.61 43.56 -1.35
C GLU A 39 7.13 43.32 -1.57
N THR A 40 6.68 42.07 -1.45
CA THR A 40 5.31 41.71 -1.67
C THR A 40 4.40 42.16 -0.52
N ALA A 41 5.01 42.20 0.66
CA ALA A 41 4.29 42.59 1.87
C ALA A 41 3.24 43.66 1.58
N LYS A 42 3.56 44.58 0.69
CA LYS A 42 2.81 45.71 0.28
C LYS A 42 1.43 45.51 -0.30
N LEU A 43 1.20 44.39 -0.96
CA LEU A 43 -0.09 44.07 -1.57
C LEU A 43 -1.15 43.79 -0.50
N ALA A 44 -0.66 43.43 0.69
CA ALA A 44 -1.48 43.14 1.85
C ALA A 44 -2.21 44.42 2.29
N LYS A 45 -2.33 45.33 1.35
CA LYS A 45 -2.92 46.63 1.45
C LYS A 45 -4.28 46.71 2.10
N GLY A 46 -4.34 47.35 3.27
CA GLY A 46 -5.55 47.58 4.00
C GLY A 46 -6.42 46.37 4.26
N ALA A 47 -5.80 45.20 4.27
CA ALA A 47 -6.55 43.97 4.57
C ALA A 47 -6.18 43.57 6.02
N ASP A 48 -7.14 43.24 6.85
CA ASP A 48 -6.93 42.95 8.23
C ASP A 48 -5.84 42.01 8.63
N GLY A 49 -5.86 40.75 8.24
CA GLY A 49 -4.80 39.82 8.67
C GLY A 49 -4.32 39.02 7.48
N VAL A 50 -3.11 38.43 7.56
CA VAL A 50 -2.64 37.68 6.42
C VAL A 50 -2.33 36.23 6.70
N VAL A 51 -2.90 35.39 5.80
CA VAL A 51 -2.73 33.96 5.80
C VAL A 51 -1.66 33.59 4.74
N VAL A 52 -0.54 33.07 5.23
CA VAL A 52 0.56 32.74 4.32
C VAL A 52 1.35 31.54 4.79
N TYR A 53 1.45 30.55 3.91
CA TYR A 53 2.24 29.35 4.21
C TYR A 53 3.67 29.59 3.70
N GLN A 54 4.66 29.42 4.59
CA GLN A 54 6.03 29.70 4.11
C GLN A 54 7.10 29.08 4.96
N GLN A 55 8.13 28.53 4.28
CA GLN A 55 9.27 28.01 5.02
C GLN A 55 10.37 29.11 4.87
N LEU A 56 10.08 30.00 3.89
CA LEU A 56 11.05 31.10 3.72
C LEU A 56 10.75 32.15 4.79
N ASP A 57 11.83 32.84 5.19
CA ASP A 57 11.85 33.78 6.24
C ASP A 57 11.17 35.12 6.05
N TYR A 58 10.37 35.40 7.11
CA TYR A 58 9.66 36.61 7.34
C TYR A 58 10.59 37.43 8.31
N THR A 59 11.68 37.88 7.71
CA THR A 59 12.71 38.61 8.44
C THR A 59 12.15 39.81 9.18
N ALA A 60 12.85 40.21 10.26
CA ALA A 60 12.43 41.36 11.06
C ALA A 60 11.96 42.47 10.10
N ASP A 61 12.55 42.40 8.91
CA ASP A 61 12.31 43.31 7.83
C ASP A 61 10.97 43.18 7.15
N THR A 62 10.60 42.01 6.64
CA THR A 62 9.30 41.89 5.94
C THR A 62 8.14 42.13 6.89
N LEU A 63 8.47 42.10 8.19
CA LEU A 63 7.48 42.39 9.22
C LEU A 63 6.97 43.81 9.03
N GLN A 64 7.85 44.80 9.10
CA GLN A 64 7.42 46.19 8.83
C GLN A 64 7.03 46.27 7.35
N ALA A 65 7.82 45.62 6.49
CA ALA A 65 7.45 45.63 5.06
C ALA A 65 5.94 45.38 4.95
N LEU A 66 5.43 44.56 5.88
CA LEU A 66 4.02 44.24 5.96
C LEU A 66 3.30 45.08 7.02
N ALA A 67 4.02 45.31 8.13
CA ALA A 67 3.44 46.13 9.20
C ALA A 67 2.84 47.39 8.58
N ASP A 68 3.66 48.31 8.11
CA ASP A 68 3.22 49.53 7.49
C ASP A 68 2.04 49.40 6.54
N ALA A 69 1.82 48.27 5.90
CA ALA A 69 0.74 48.08 4.93
C ALA A 69 -0.63 48.18 5.58
N GLY A 70 -0.66 47.92 6.89
CA GLY A 70 -1.82 47.97 7.72
C GLY A 70 -2.21 46.70 8.41
N VAL A 71 -1.27 45.77 8.72
CA VAL A 71 -1.65 44.54 9.35
C VAL A 71 -0.74 44.04 10.46
N THR A 72 -1.30 43.59 11.57
CA THR A 72 -0.49 42.96 12.62
C THR A 72 -1.11 41.54 12.83
N LYS A 73 -2.07 41.33 11.93
CA LYS A 73 -2.84 40.11 11.90
C LYS A 73 -2.32 39.15 10.84
N MET A 74 -1.52 38.20 11.32
CA MET A 74 -0.92 37.18 10.46
C MET A 74 -0.96 35.79 11.12
N SER A 75 -1.40 34.83 10.29
CA SER A 75 -1.50 33.45 10.72
C SER A 75 -1.02 32.48 9.64
N LEU A 76 -0.16 31.54 10.04
CA LEU A 76 0.41 30.53 9.17
C LEU A 76 -0.59 29.45 8.78
N ARG A 77 -0.31 28.77 7.66
CA ARG A 77 -1.25 27.68 7.27
C ARG A 77 -0.59 26.40 7.82
N ASN A 78 0.68 26.63 8.19
CA ASN A 78 1.50 25.55 8.66
C ASN A 78 1.80 25.54 10.16
N VAL A 79 2.26 24.38 10.55
CA VAL A 79 2.67 23.90 11.82
C VAL A 79 3.82 24.68 12.41
N GLY A 80 4.68 25.19 11.52
CA GLY A 80 5.85 25.92 11.83
C GLY A 80 5.71 27.36 12.26
N VAL A 81 6.72 27.78 13.04
CA VAL A 81 6.88 29.07 13.63
C VAL A 81 8.30 29.61 13.72
N ASP A 82 9.33 28.79 13.74
CA ASP A 82 10.70 29.22 13.87
C ASP A 82 11.26 29.96 12.68
N ASN A 83 10.45 30.28 11.68
CA ASN A 83 10.96 31.00 10.51
C ASN A 83 10.59 32.47 10.54
N ILE A 84 10.09 32.97 11.66
CA ILE A 84 9.71 34.39 11.73
C ILE A 84 10.56 35.12 12.74
N ASP A 85 10.80 36.44 12.52
CA ASP A 85 11.59 37.17 13.53
C ASP A 85 10.64 37.34 14.75
N MET A 86 10.74 36.36 15.64
CA MET A 86 9.89 36.36 16.83
C MET A 86 10.23 37.52 17.75
N ASP A 87 11.51 37.88 17.86
CA ASP A 87 11.91 39.00 18.72
C ASP A 87 11.47 40.34 18.18
N LYS A 88 11.71 40.63 16.90
CA LYS A 88 11.24 41.90 16.33
C LYS A 88 9.71 41.85 16.15
N ALA A 89 9.16 40.67 16.11
CA ALA A 89 7.76 40.35 15.97
C ALA A 89 6.93 40.90 17.13
N LYS A 90 7.51 40.86 18.32
CA LYS A 90 6.93 41.40 19.52
C LYS A 90 7.44 42.86 19.68
N GLU A 91 8.68 43.02 19.18
CA GLU A 91 9.22 44.41 19.21
C GLU A 91 8.07 45.24 18.55
N LEU A 92 7.45 44.53 17.60
CA LEU A 92 6.36 44.97 16.80
C LEU A 92 4.95 44.64 17.29
N GLY A 93 4.72 43.76 18.24
CA GLY A 93 3.38 43.43 18.72
C GLY A 93 2.59 42.53 17.77
N PHE A 94 3.28 41.99 16.79
CA PHE A 94 2.80 41.13 15.77
C PHE A 94 2.18 39.83 16.32
N GLN A 95 0.93 39.69 15.98
CA GLN A 95 0.06 38.60 16.30
C GLN A 95 0.01 37.48 15.24
N ILE A 96 0.62 36.34 15.58
CA ILE A 96 0.62 35.19 14.72
C ILE A 96 -0.10 34.02 15.41
N THR A 97 -0.51 33.06 14.62
CA THR A 97 -1.16 31.84 15.12
C THR A 97 -0.53 30.68 14.32
N ASN A 98 -0.74 29.46 14.75
CA ASN A 98 -0.23 28.30 13.97
C ASN A 98 -1.40 27.31 13.78
N VAL A 99 -1.33 26.52 12.74
CA VAL A 99 -2.33 25.47 12.41
C VAL A 99 -1.55 24.14 12.55
N PRO A 100 -1.42 23.67 13.78
CA PRO A 100 -0.68 22.55 14.22
C PRO A 100 -1.12 21.15 13.90
N VAL A 101 -2.32 20.91 13.37
CA VAL A 101 -2.72 19.54 13.11
C VAL A 101 -3.60 19.37 11.90
N TYR A 102 -3.07 18.85 10.79
CA TYR A 102 -3.93 18.56 9.62
C TYR A 102 -3.88 17.02 9.49
N SER A 103 -4.93 16.32 9.73
CA SER A 103 -5.02 14.89 9.62
C SER A 103 -3.81 14.08 9.97
N PRO A 104 -3.80 13.47 11.13
CA PRO A 104 -2.73 12.59 11.58
C PRO A 104 -2.82 11.29 10.76
N ASN A 105 -4.00 11.19 10.10
CA ASN A 105 -4.34 10.05 9.30
C ASN A 105 -3.45 9.89 8.10
N ALA A 106 -3.34 10.97 7.34
CA ALA A 106 -2.48 10.89 6.14
C ALA A 106 -1.10 10.39 6.47
N ILE A 107 -0.64 10.59 7.69
CA ILE A 107 0.75 10.12 7.94
C ILE A 107 0.75 8.68 8.30
N ALA A 108 -0.20 8.32 9.18
CA ALA A 108 -0.40 6.94 9.61
C ALA A 108 -0.68 6.08 8.36
N GLU A 109 -1.53 6.65 7.55
CA GLU A 109 -1.92 6.04 6.30
C GLU A 109 -0.64 5.84 5.49
N HIS A 110 0.06 6.89 5.11
CA HIS A 110 1.23 6.85 4.31
C HIS A 110 2.29 5.89 4.73
N ALA A 111 2.42 5.47 5.96
CA ALA A 111 3.47 4.54 6.37
C ALA A 111 3.12 3.07 6.19
N ALA A 112 1.90 2.72 6.34
CA ALA A 112 1.24 1.46 6.26
C ALA A 112 1.41 0.86 4.84
N ILE A 113 1.07 1.77 3.94
CA ILE A 113 1.16 1.54 2.54
C ILE A 113 2.62 1.41 2.11
N GLN A 114 3.48 2.29 2.56
CA GLN A 114 4.91 2.16 2.19
C GLN A 114 5.42 0.88 2.82
N ALA A 115 5.07 0.62 4.05
CA ALA A 115 5.48 -0.54 4.81
C ALA A 115 5.05 -1.80 4.03
N ALA A 116 3.74 -1.78 3.76
CA ALA A 116 3.10 -2.89 3.07
C ALA A 116 3.64 -3.15 1.68
N ARG A 117 4.03 -2.13 0.96
CA ARG A 117 4.66 -2.23 -0.35
C ARG A 117 6.05 -2.85 -0.30
N VAL A 118 6.75 -2.63 0.81
CA VAL A 118 8.12 -3.22 0.92
C VAL A 118 8.02 -4.70 1.23
N LEU A 119 7.03 -5.11 2.02
CA LEU A 119 6.82 -6.51 2.39
C LEU A 119 6.40 -7.34 1.15
N ARG A 120 5.55 -6.71 0.32
CA ARG A 120 5.07 -7.29 -0.90
C ARG A 120 6.17 -7.41 -1.95
N GLN A 121 7.11 -6.50 -2.02
CA GLN A 121 8.19 -6.44 -2.97
C GLN A 121 7.72 -5.76 -4.26
N ASP A 122 6.71 -4.92 -4.06
CA ASP A 122 6.11 -4.18 -5.10
C ASP A 122 7.03 -3.44 -6.01
N LYS A 123 8.16 -2.93 -5.60
CA LYS A 123 9.06 -2.18 -6.51
C LYS A 123 9.90 -3.11 -7.37
N ARG A 124 10.16 -4.30 -6.86
CA ARG A 124 10.97 -5.26 -7.65
C ARG A 124 10.06 -5.74 -8.78
N MET A 125 8.86 -6.08 -8.33
CA MET A 125 7.80 -6.48 -9.23
C MET A 125 7.51 -5.35 -10.22
N ASP A 126 7.42 -4.09 -9.81
CA ASP A 126 7.14 -3.03 -10.77
C ASP A 126 8.33 -2.80 -11.71
N GLU A 127 9.49 -3.19 -11.29
CA GLU A 127 10.69 -2.97 -12.20
C GLU A 127 10.61 -3.99 -13.33
N LYS A 128 10.40 -5.26 -13.02
CA LYS A 128 10.22 -6.26 -14.04
C LYS A 128 9.16 -5.87 -15.08
N MET A 129 8.05 -5.23 -14.67
CA MET A 129 6.95 -4.87 -15.57
C MET A 129 7.43 -3.82 -16.60
N ALA A 130 8.01 -2.77 -16.06
CA ALA A 130 8.51 -1.67 -16.87
C ALA A 130 9.45 -2.17 -17.99
N LYS A 131 10.23 -3.20 -17.64
CA LYS A 131 11.20 -3.83 -18.52
C LYS A 131 10.48 -4.87 -19.39
N ARG A 132 9.21 -5.06 -19.01
CA ARG A 132 8.42 -6.02 -19.75
C ARG A 132 8.77 -7.46 -19.45
N ASP A 133 9.14 -7.74 -18.23
CA ASP A 133 9.39 -9.06 -17.72
C ASP A 133 8.15 -9.58 -16.95
N LEU A 134 7.00 -9.74 -17.59
CA LEU A 134 5.78 -10.16 -17.00
C LEU A 134 5.69 -11.50 -16.30
N ARG A 135 6.62 -12.03 -15.57
CA ARG A 135 6.34 -13.31 -14.82
C ARG A 135 6.47 -13.00 -13.34
N TRP A 136 5.92 -13.73 -12.43
CA TRP A 136 5.98 -13.38 -11.00
C TRP A 136 7.02 -14.04 -10.16
N ALA A 137 7.74 -15.01 -10.68
CA ALA A 137 8.73 -15.71 -9.86
C ALA A 137 10.09 -15.03 -10.05
N PRO A 138 10.81 -14.90 -8.98
CA PRO A 138 10.47 -15.30 -7.62
C PRO A 138 10.23 -14.10 -6.71
N THR A 139 9.81 -12.96 -7.19
CA THR A 139 9.44 -11.78 -6.49
C THR A 139 8.25 -11.99 -5.54
N ILE A 140 8.30 -12.94 -4.69
CA ILE A 140 7.19 -13.25 -3.78
C ILE A 140 7.08 -12.22 -2.70
N GLY A 141 5.88 -11.98 -2.21
CA GLY A 141 5.74 -10.95 -1.15
C GLY A 141 5.34 -11.63 0.16
N ARG A 142 5.65 -10.94 1.23
CA ARG A 142 5.34 -11.36 2.60
C ARG A 142 3.98 -10.75 2.91
N GLU A 143 3.09 -11.36 3.66
CA GLU A 143 1.79 -10.73 3.90
C GLU A 143 1.79 -9.86 5.15
N VAL A 144 1.11 -8.71 5.04
CA VAL A 144 0.97 -7.85 6.25
C VAL A 144 0.39 -8.73 7.37
N ARG A 145 -0.74 -9.32 7.03
CA ARG A 145 -1.42 -10.21 7.99
C ARG A 145 -0.48 -11.19 8.61
N ASP A 146 0.79 -11.27 8.24
CA ASP A 146 1.67 -12.27 8.89
C ASP A 146 2.89 -11.72 9.64
N GLN A 147 3.02 -10.46 9.88
CA GLN A 147 4.19 -9.89 10.54
C GLN A 147 3.90 -9.49 11.96
N VAL A 148 4.88 -8.92 12.61
CA VAL A 148 4.69 -8.41 13.96
C VAL A 148 5.19 -6.95 13.88
N VAL A 149 4.21 -6.10 13.75
CA VAL A 149 4.47 -4.66 13.54
C VAL A 149 4.75 -4.00 14.84
N GLY A 150 5.93 -3.40 15.01
CA GLY A 150 6.12 -2.75 16.36
C GLY A 150 6.00 -1.25 16.14
N VAL A 151 5.23 -0.61 17.01
CA VAL A 151 5.06 0.84 16.85
C VAL A 151 5.89 1.52 17.95
N VAL A 152 6.74 2.44 17.58
CA VAL A 152 7.49 3.21 18.58
C VAL A 152 6.81 4.61 18.60
N GLY A 153 6.06 4.81 19.68
CA GLY A 153 5.34 6.02 19.92
C GLY A 153 3.82 5.88 19.84
N THR A 154 3.11 6.40 20.85
CA THR A 154 1.66 6.20 20.80
C THR A 154 0.76 7.36 20.83
N GLY A 155 0.99 8.37 19.93
CA GLY A 155 0.07 9.50 19.89
C GLY A 155 -1.04 9.42 18.89
N HIS A 156 -1.64 10.58 18.55
CA HIS A 156 -2.74 10.53 17.57
C HIS A 156 -2.30 9.64 16.41
N ILE A 157 -1.40 10.13 15.59
CA ILE A 157 -0.85 9.46 14.46
C ILE A 157 -0.61 7.97 14.64
N GLY A 158 0.21 7.59 15.58
CA GLY A 158 0.58 6.20 15.81
C GLY A 158 -0.57 5.31 16.16
N GLN A 159 -1.66 5.89 16.71
CA GLN A 159 -2.77 5.00 17.13
C GLN A 159 -3.48 4.55 15.92
N VAL A 160 -3.56 5.54 15.01
CA VAL A 160 -4.19 5.23 13.73
C VAL A 160 -3.42 4.04 13.10
N PHE A 161 -2.11 4.36 13.06
CA PHE A 161 -1.18 3.42 12.47
C PHE A 161 -1.42 2.02 13.04
N MET A 162 -1.86 2.00 14.28
CA MET A 162 -2.15 0.79 14.98
C MET A 162 -3.38 0.07 14.45
N ARG A 163 -4.46 0.84 14.43
CA ARG A 163 -5.72 0.31 13.97
C ARG A 163 -5.62 -0.16 12.51
N ILE A 164 -4.83 0.55 11.68
CA ILE A 164 -4.73 0.14 10.27
C ILE A 164 -4.16 -1.28 10.17
N MET A 165 -3.04 -1.51 10.79
CA MET A 165 -2.34 -2.80 10.78
C MET A 165 -3.14 -3.87 11.50
N GLU A 166 -3.89 -3.46 12.50
CA GLU A 166 -4.83 -4.31 13.21
C GLU A 166 -5.82 -4.84 12.16
N GLY A 167 -6.25 -3.94 11.30
CA GLY A 167 -7.19 -4.27 10.26
C GLY A 167 -6.62 -5.26 9.27
N PHE A 168 -5.27 -5.26 9.15
CA PHE A 168 -4.67 -6.18 8.15
C PHE A 168 -4.67 -7.59 8.78
N GLY A 169 -4.97 -7.51 10.08
CA GLY A 169 -5.00 -8.64 10.94
C GLY A 169 -3.59 -8.98 11.42
N ALA A 170 -2.80 -7.97 11.80
CA ALA A 170 -1.45 -8.33 12.27
C ALA A 170 -1.39 -8.13 13.80
N LYS A 171 -0.24 -8.52 14.37
CA LYS A 171 0.03 -8.41 15.78
C LYS A 171 0.75 -7.09 16.08
N VAL A 172 0.09 -6.19 16.78
CA VAL A 172 0.72 -4.91 17.08
C VAL A 172 1.25 -4.95 18.52
N ILE A 173 2.43 -4.46 18.62
CA ILE A 173 3.18 -4.32 19.88
C ILE A 173 3.47 -2.83 19.96
N ALA A 174 3.54 -2.25 21.11
CA ALA A 174 3.75 -0.78 21.15
C ALA A 174 4.74 -0.37 22.22
N TYR A 175 5.22 0.86 22.02
CA TYR A 175 6.15 1.49 22.89
C TYR A 175 5.89 2.99 23.07
N ASP A 176 6.09 3.41 24.34
CA ASP A 176 6.00 4.73 24.77
C ASP A 176 6.50 4.96 26.22
N ILE A 177 6.85 6.23 26.35
CA ILE A 177 7.31 6.83 27.60
C ILE A 177 6.07 6.89 28.50
N PHE A 178 4.99 7.37 27.84
CA PHE A 178 3.73 7.51 28.55
C PHE A 178 2.70 6.44 28.19
N LYS A 179 2.80 5.28 28.82
CA LYS A 179 1.92 4.16 28.64
C LYS A 179 0.44 4.55 28.74
N ASN A 180 -0.13 5.06 27.69
CA ASN A 180 -1.55 5.48 27.66
C ASN A 180 -2.41 4.42 28.32
N PRO A 181 -2.78 4.69 29.57
CA PRO A 181 -3.52 3.82 30.47
C PRO A 181 -4.48 2.91 29.72
N GLU A 182 -5.09 3.50 28.69
CA GLU A 182 -6.02 2.81 27.83
C GLU A 182 -5.40 1.68 27.04
N LEU A 183 -4.60 1.94 26.01
CA LEU A 183 -4.00 0.91 25.19
C LEU A 183 -3.29 -0.17 25.99
N GLU A 184 -2.57 0.20 27.04
CA GLU A 184 -1.86 -0.77 27.87
C GLU A 184 -2.80 -1.78 28.51
N LYS A 185 -4.08 -1.42 28.58
CA LYS A 185 -5.07 -2.31 29.19
C LYS A 185 -5.23 -3.57 28.34
N LYS A 186 -5.16 -3.35 27.02
CA LYS A 186 -5.29 -4.48 26.10
C LYS A 186 -3.99 -5.23 25.94
N GLY A 187 -2.92 -4.86 26.65
CA GLY A 187 -1.65 -5.51 26.59
C GLY A 187 -0.68 -5.16 25.53
N TYR A 188 -0.98 -4.22 24.62
CA TYR A 188 -0.11 -3.79 23.57
C TYR A 188 1.31 -3.50 24.00
N TYR A 189 1.46 -2.92 25.21
CA TYR A 189 2.79 -2.49 25.60
C TYR A 189 3.77 -3.56 26.00
N VAL A 190 5.00 -3.33 25.48
CA VAL A 190 6.13 -4.18 25.82
C VAL A 190 6.90 -3.46 26.93
N ASP A 191 7.68 -4.17 27.73
CA ASP A 191 8.42 -3.48 28.81
C ASP A 191 9.42 -2.47 28.28
N SER A 192 10.17 -2.82 27.26
CA SER A 192 11.16 -1.91 26.69
C SER A 192 11.44 -2.13 25.22
N LEU A 193 12.17 -1.19 24.65
CA LEU A 193 12.54 -1.22 23.24
C LEU A 193 13.28 -2.51 22.88
N ASP A 194 14.32 -2.86 23.60
CA ASP A 194 15.08 -4.09 23.39
C ASP A 194 14.16 -5.31 23.24
N ASP A 195 12.90 -5.17 23.66
CA ASP A 195 11.92 -6.22 23.53
C ASP A 195 11.28 -6.16 22.14
N LEU A 196 10.73 -4.98 21.87
CA LEU A 196 10.13 -4.82 20.50
C LEU A 196 11.21 -4.94 19.45
N TYR A 197 12.45 -4.55 19.64
CA TYR A 197 13.48 -4.74 18.62
C TYR A 197 13.79 -6.19 18.31
N LYS A 198 13.22 -7.19 18.93
CA LYS A 198 13.64 -8.55 18.52
C LYS A 198 12.46 -9.47 18.39
N GLN A 199 11.29 -8.91 18.08
CA GLN A 199 10.11 -9.76 17.85
C GLN A 199 9.21 -9.00 16.90
N ALA A 200 9.76 -7.85 16.50
CA ALA A 200 9.04 -7.02 15.53
C ALA A 200 9.67 -7.35 14.15
N ASP A 201 8.80 -7.46 13.18
CA ASP A 201 9.16 -7.77 11.79
C ASP A 201 9.21 -6.42 11.03
N VAL A 202 8.35 -5.52 11.49
CA VAL A 202 8.19 -4.18 10.91
C VAL A 202 8.40 -3.17 12.02
N ILE A 203 9.06 -2.04 11.78
CA ILE A 203 9.21 -1.06 12.86
C ILE A 203 8.85 0.31 12.40
N SER A 204 7.75 0.83 12.98
CA SER A 204 7.39 2.15 12.50
C SER A 204 7.59 3.19 13.57
N LEU A 205 8.50 4.10 13.47
CA LEU A 205 8.69 5.14 14.43
C LEU A 205 7.61 6.19 14.45
N HIS A 206 7.19 6.57 15.66
CA HIS A 206 6.16 7.61 15.78
C HIS A 206 6.44 8.35 17.08
N VAL A 207 7.62 8.94 17.05
CA VAL A 207 8.06 9.58 18.36
C VAL A 207 8.84 10.78 17.96
N PRO A 208 8.81 11.85 18.74
CA PRO A 208 9.46 13.11 18.43
C PRO A 208 10.95 12.95 18.26
N ASP A 209 11.55 13.90 17.58
CA ASP A 209 12.99 13.94 17.31
C ASP A 209 13.75 14.33 18.56
N VAL A 210 13.72 13.47 19.61
CA VAL A 210 14.27 13.95 20.86
C VAL A 210 15.76 13.79 21.01
N PRO A 211 16.29 14.67 21.84
CA PRO A 211 17.72 14.67 22.16
C PRO A 211 18.08 13.22 22.50
N ALA A 212 17.11 12.62 23.20
CA ALA A 212 17.27 11.24 23.64
C ALA A 212 17.21 10.29 22.45
N ASN A 213 16.15 10.42 21.68
CA ASN A 213 15.88 9.61 20.53
C ASN A 213 16.72 9.77 19.30
N VAL A 214 17.63 10.73 19.25
CA VAL A 214 18.47 11.02 18.14
C VAL A 214 19.46 9.91 17.76
N HIS A 215 19.11 9.10 16.79
CA HIS A 215 19.82 8.02 16.21
C HIS A 215 19.56 6.69 16.93
N MET A 216 18.29 6.53 17.29
CA MET A 216 17.85 5.30 17.95
C MET A 216 18.01 4.12 17.00
N ILE A 217 17.92 4.40 15.70
CA ILE A 217 18.16 3.25 14.78
C ILE A 217 19.61 3.41 14.28
N ASN A 218 20.46 2.50 14.69
CA ASN A 218 21.89 2.60 14.30
C ASN A 218 22.57 1.25 14.42
N ASP A 219 23.88 1.15 14.24
CA ASP A 219 24.53 -0.16 14.30
C ASP A 219 24.10 -0.97 15.52
N LYS A 220 23.91 -0.34 16.67
CA LYS A 220 23.56 -1.06 17.90
C LYS A 220 22.12 -1.53 18.00
N SER A 221 21.14 -0.69 17.67
CA SER A 221 19.73 -1.02 17.72
C SER A 221 19.40 -2.12 16.71
N ILE A 222 20.08 -1.99 15.55
CA ILE A 222 19.88 -2.85 14.42
C ILE A 222 20.31 -4.30 14.63
N ALA A 223 21.51 -4.49 15.17
CA ALA A 223 22.09 -5.79 15.43
C ALA A 223 21.23 -6.59 16.42
N GLU A 224 20.24 -5.88 17.01
CA GLU A 224 19.32 -6.59 17.88
C GLU A 224 18.04 -7.00 17.11
N MET A 225 17.81 -6.38 15.98
CA MET A 225 16.58 -6.63 15.20
C MET A 225 16.48 -8.03 14.68
N LYS A 226 15.33 -8.43 14.17
CA LYS A 226 15.23 -9.81 13.62
C LYS A 226 15.95 -9.79 12.27
N ASP A 227 15.94 -10.92 11.57
CA ASP A 227 16.57 -10.87 10.22
C ASP A 227 15.47 -10.43 9.22
N GLY A 228 15.85 -9.57 8.27
CA GLY A 228 14.86 -9.16 7.27
C GLY A 228 13.75 -8.35 7.91
N VAL A 229 14.18 -7.43 8.79
CA VAL A 229 13.20 -6.53 9.41
C VAL A 229 12.88 -5.51 8.24
N VAL A 230 11.94 -4.70 8.51
CA VAL A 230 11.48 -3.66 7.60
C VAL A 230 11.53 -2.38 8.46
N ILE A 231 12.07 -1.31 7.96
CA ILE A 231 12.13 -0.12 8.87
C ILE A 231 11.44 1.06 8.29
N VAL A 232 10.55 1.66 9.10
CA VAL A 232 9.78 2.79 8.63
C VAL A 232 9.93 4.02 9.48
N ASN A 233 10.38 5.11 8.80
CA ASN A 233 10.55 6.33 9.55
C ASN A 233 9.90 7.47 8.78
N CYS A 234 8.61 7.68 9.06
CA CYS A 234 7.89 8.78 8.45
C CYS A 234 7.78 9.92 9.51
N SER A 235 8.73 10.03 10.45
CA SER A 235 8.58 11.07 11.48
C SER A 235 9.65 12.16 11.36
N ARG A 236 10.69 11.98 12.16
CA ARG A 236 11.81 12.95 12.15
C ARG A 236 13.07 12.18 11.77
N GLY A 237 13.82 12.65 10.80
CA GLY A 237 14.98 12.04 10.29
C GLY A 237 16.11 11.60 11.15
N ARG A 238 16.49 12.39 12.12
CA ARG A 238 17.63 12.12 12.99
C ARG A 238 17.50 10.89 13.84
N LEU A 239 16.31 10.29 13.85
CA LEU A 239 16.03 9.11 14.66
C LEU A 239 16.87 7.94 14.20
N VAL A 240 17.27 8.00 12.91
CA VAL A 240 18.03 6.99 12.27
C VAL A 240 19.44 7.45 11.89
N ASP A 241 20.32 6.47 11.84
CA ASP A 241 21.71 6.73 11.38
C ASP A 241 21.74 6.17 9.95
N THR A 242 21.69 7.03 8.94
CA THR A 242 21.62 6.56 7.56
C THR A 242 22.68 5.54 7.19
N ASP A 243 23.95 5.85 7.36
CA ASP A 243 25.08 4.97 7.06
C ASP A 243 24.99 3.61 7.70
N ALA A 244 24.24 3.50 8.81
CA ALA A 244 23.95 2.32 9.55
C ALA A 244 22.92 1.43 8.83
N VAL A 245 21.73 2.02 8.55
CA VAL A 245 20.69 1.23 7.87
C VAL A 245 21.29 0.77 6.52
N ILE A 246 21.93 1.81 5.92
CA ILE A 246 22.60 1.49 4.63
C ILE A 246 23.35 0.18 4.77
N ARG A 247 24.10 0.09 5.87
CA ARG A 247 24.93 -1.08 6.10
C ARG A 247 24.13 -2.38 6.21
N GLY A 248 23.03 -2.30 6.92
CA GLY A 248 22.10 -3.36 7.23
C GLY A 248 21.44 -3.85 5.94
N LEU A 249 21.29 -2.88 5.07
CA LEU A 249 20.66 -3.16 3.76
C LEU A 249 21.70 -3.92 2.93
N ASP A 250 22.94 -3.45 3.06
CA ASP A 250 24.09 -3.97 2.38
C ASP A 250 24.34 -5.40 2.75
N SER A 251 24.08 -5.77 3.99
CA SER A 251 24.34 -7.20 4.29
C SER A 251 23.10 -8.05 4.15
N GLY A 252 21.89 -7.50 4.01
CA GLY A 252 20.75 -8.44 4.02
C GLY A 252 20.08 -8.47 5.40
N LYS A 253 20.51 -7.66 6.37
CA LYS A 253 19.85 -7.65 7.69
C LYS A 253 18.48 -6.97 7.57
N ILE A 254 18.53 -5.67 7.20
CA ILE A 254 17.29 -4.95 6.94
C ILE A 254 16.76 -5.44 5.55
N PHE A 255 15.51 -5.91 5.53
CA PHE A 255 14.80 -6.45 4.42
C PHE A 255 14.33 -5.39 3.44
N GLY A 256 14.14 -4.21 3.96
CA GLY A 256 13.68 -3.06 3.23
C GLY A 256 13.59 -1.85 4.21
N PHE A 257 13.35 -0.70 3.61
CA PHE A 257 13.26 0.55 4.30
C PHE A 257 12.38 1.56 3.61
N VAL A 258 11.80 2.44 4.40
CA VAL A 258 10.91 3.50 4.04
C VAL A 258 11.34 4.82 4.72
N MET A 259 11.64 5.78 3.84
CA MET A 259 12.14 7.06 4.28
C MET A 259 11.46 8.24 3.64
N ASP A 260 10.61 8.95 4.38
CA ASP A 260 9.93 10.15 3.88
C ASP A 260 10.52 11.36 4.64
N THR A 261 11.51 11.06 5.46
CA THR A 261 12.25 12.00 6.25
C THR A 261 13.73 11.58 6.40
N TYR A 262 14.59 12.52 6.05
CA TYR A 262 16.05 12.26 6.07
C TYR A 262 16.66 13.33 6.98
N GLU A 263 17.86 13.03 7.46
CA GLU A 263 18.61 13.91 8.34
C GLU A 263 19.18 15.08 7.53
N ASP A 264 19.88 14.75 6.47
CA ASP A 264 20.48 15.91 5.72
C ASP A 264 19.48 16.39 4.71
N GLU A 265 18.18 16.19 5.08
CA GLU A 265 17.09 16.56 4.21
C GLU A 265 17.03 18.03 3.83
N VAL A 266 16.99 18.92 4.78
CA VAL A 266 16.84 20.34 4.58
C VAL A 266 17.82 20.98 3.62
N GLY A 267 17.26 21.55 2.56
CA GLY A 267 18.11 22.12 1.48
C GLY A 267 17.93 21.20 0.25
N VAL A 268 18.13 19.90 0.44
CA VAL A 268 18.00 18.90 -0.61
C VAL A 268 16.58 18.60 -1.02
N PHE A 269 15.76 18.24 -0.04
CA PHE A 269 14.37 17.90 -0.30
C PHE A 269 13.66 19.08 -0.95
N ASN A 270 12.51 18.81 -1.54
CA ASN A 270 11.67 19.79 -2.17
C ASN A 270 12.33 20.74 -3.13
N LYS A 271 13.44 20.39 -3.78
CA LYS A 271 14.02 21.37 -4.76
C LYS A 271 14.15 20.64 -6.08
N ASP A 272 13.74 21.18 -7.23
CA ASP A 272 13.87 20.36 -8.44
C ASP A 272 15.33 20.26 -8.88
N TRP A 273 16.00 19.17 -8.59
CA TRP A 273 17.41 19.01 -8.98
C TRP A 273 17.55 18.43 -10.36
N GLU A 274 16.39 18.23 -11.02
CA GLU A 274 16.38 17.70 -12.38
C GLU A 274 17.11 18.75 -13.27
N GLY A 275 18.02 18.24 -14.05
CA GLY A 275 18.82 19.03 -14.97
C GLY A 275 20.04 19.66 -14.29
N LYS A 276 20.20 19.45 -13.00
CA LYS A 276 21.23 19.93 -12.14
C LYS A 276 22.25 18.84 -11.75
N GLU A 277 23.25 19.26 -10.95
CA GLU A 277 24.19 18.18 -10.53
C GLU A 277 23.66 17.66 -9.21
N PHE A 278 23.22 16.39 -9.19
CA PHE A 278 22.61 15.85 -8.00
C PHE A 278 23.49 15.94 -6.75
N PRO A 279 23.05 16.74 -5.80
CA PRO A 279 23.69 17.12 -4.63
C PRO A 279 24.02 16.21 -3.52
N ASP A 280 23.47 15.03 -3.39
CA ASP A 280 23.76 14.19 -2.19
C ASP A 280 23.62 12.75 -2.61
N LYS A 281 24.74 12.01 -2.76
CA LYS A 281 24.61 10.67 -3.26
C LYS A 281 23.98 9.61 -2.44
N ARG A 282 24.38 9.33 -1.22
CA ARG A 282 23.74 8.18 -0.53
C ARG A 282 22.22 8.35 -0.58
N LEU A 283 21.79 9.60 -0.46
CA LEU A 283 20.32 9.81 -0.51
C LEU A 283 19.91 9.29 -1.89
N ALA A 284 20.81 9.62 -2.85
CA ALA A 284 20.55 9.20 -4.23
C ALA A 284 20.76 7.71 -4.34
N ASP A 285 21.71 7.13 -3.59
CA ASP A 285 21.82 5.64 -3.69
C ASP A 285 20.61 5.03 -2.99
N LEU A 286 20.04 5.72 -2.00
CA LEU A 286 18.90 5.20 -1.27
C LEU A 286 17.66 5.24 -2.16
N ILE A 287 17.38 6.42 -2.72
CA ILE A 287 16.26 6.62 -3.58
C ILE A 287 16.08 5.45 -4.56
N ASP A 288 17.13 5.03 -5.23
CA ASP A 288 17.09 3.98 -6.22
C ASP A 288 17.16 2.59 -5.67
N ARG A 289 17.42 2.41 -4.37
CA ARG A 289 17.47 0.97 -3.92
C ARG A 289 16.12 0.38 -4.28
N PRO A 290 16.09 -0.86 -4.69
CA PRO A 290 14.86 -1.55 -5.10
C PRO A 290 14.09 -2.00 -3.89
N ASN A 291 14.75 -1.96 -2.70
CA ASN A 291 13.97 -2.45 -1.54
C ASN A 291 13.85 -1.31 -0.53
N VAL A 292 13.99 -0.14 -1.06
CA VAL A 292 13.84 1.11 -0.36
C VAL A 292 12.78 2.02 -1.01
N LEU A 293 12.05 2.76 -0.21
CA LEU A 293 11.10 3.71 -0.83
C LEU A 293 11.44 5.12 -0.34
N VAL A 294 12.07 5.99 -1.08
CA VAL A 294 12.19 7.36 -0.49
C VAL A 294 11.01 8.21 -0.94
N THR A 295 10.57 9.17 -0.17
CA THR A 295 9.55 10.13 -0.42
C THR A 295 10.02 11.45 0.27
N PRO A 296 9.74 12.56 -0.30
CA PRO A 296 10.17 13.86 0.21
C PRO A 296 9.26 14.47 1.23
N HIS A 297 9.10 13.90 2.42
CA HIS A 297 8.21 14.54 3.39
C HIS A 297 6.85 14.76 2.75
N THR A 298 6.24 13.58 2.53
CA THR A 298 4.91 13.72 1.81
C THR A 298 3.88 13.13 2.67
N ALA A 299 4.33 12.51 3.79
CA ALA A 299 3.41 11.86 4.69
C ALA A 299 2.21 12.69 4.98
N PHE A 300 2.34 14.02 4.99
CA PHE A 300 1.24 14.89 5.37
C PHE A 300 0.32 15.44 4.31
N TYR A 301 0.81 15.55 3.10
CA TYR A 301 0.34 16.12 1.90
C TYR A 301 -0.88 15.38 1.31
N THR A 302 -2.05 15.85 1.67
CA THR A 302 -3.31 15.27 1.34
C THR A 302 -4.51 16.16 1.28
N THR A 303 -5.46 15.85 0.44
CA THR A 303 -6.68 16.66 0.37
C THR A 303 -7.20 17.01 1.73
N HIS A 304 -7.56 16.08 2.57
CA HIS A 304 -8.07 16.40 3.93
C HIS A 304 -7.15 17.26 4.76
N ALA A 305 -5.86 17.02 4.91
CA ALA A 305 -4.99 17.87 5.71
C ALA A 305 -5.05 19.29 5.15
N VAL A 306 -4.55 19.43 3.93
CA VAL A 306 -4.54 20.74 3.30
C VAL A 306 -5.83 21.49 3.60
N ARG A 307 -6.94 20.79 3.49
CA ARG A 307 -8.24 21.49 3.76
C ARG A 307 -8.10 22.03 5.18
N ASN A 308 -7.60 21.13 6.04
CA ASN A 308 -7.37 21.59 7.43
C ASN A 308 -6.42 22.80 7.35
N MET A 309 -5.26 22.55 6.75
CA MET A 309 -4.22 23.53 6.55
C MET A 309 -4.84 24.91 6.32
N VAL A 310 -5.38 25.07 5.09
CA VAL A 310 -6.02 26.32 4.75
C VAL A 310 -6.96 26.78 5.88
N VAL A 311 -8.13 26.19 5.93
CA VAL A 311 -9.22 26.44 6.81
C VAL A 311 -8.96 26.61 8.27
N LYS A 312 -8.23 25.67 8.91
CA LYS A 312 -8.03 25.95 10.36
C LYS A 312 -7.36 27.31 10.41
N ALA A 313 -6.93 27.82 9.26
CA ALA A 313 -6.25 29.10 9.13
C ALA A 313 -7.14 30.30 8.86
N PHE A 314 -8.00 30.23 7.85
CA PHE A 314 -8.92 31.37 7.56
C PHE A 314 -9.72 31.69 8.81
N ASN A 315 -10.07 30.64 9.56
CA ASN A 315 -10.77 30.78 10.82
C ASN A 315 -9.90 31.54 11.80
N ASN A 316 -8.89 30.90 12.35
CA ASN A 316 -7.98 31.49 13.29
C ASN A 316 -7.69 32.95 12.98
N ASN A 317 -7.64 33.25 11.66
CA ASN A 317 -7.41 34.65 11.28
C ASN A 317 -8.74 35.37 11.50
N LEU A 318 -9.81 34.84 10.86
CA LEU A 318 -11.10 35.52 11.12
C LEU A 318 -11.20 35.87 12.60
N LYS A 319 -10.72 34.98 13.47
CA LYS A 319 -10.82 35.28 14.91
C LYS A 319 -9.89 36.43 15.27
N LEU A 320 -8.78 36.52 14.53
CA LEU A 320 -7.82 37.61 14.76
C LEU A 320 -8.45 38.93 14.23
N ILE A 321 -8.76 38.95 12.95
CA ILE A 321 -9.37 40.05 12.26
C ILE A 321 -10.51 40.72 13.06
N ASN A 322 -11.36 39.92 13.64
CA ASN A 322 -12.52 40.18 14.41
C ASN A 322 -12.32 40.43 15.90
N GLY A 323 -11.19 39.96 16.43
CA GLY A 323 -10.91 40.10 17.85
C GLY A 323 -11.79 39.08 18.63
N GLU A 324 -11.33 37.86 18.66
CA GLU A 324 -12.01 36.75 19.35
C GLU A 324 -10.92 35.77 19.76
N LYS A 325 -11.13 34.82 20.63
CA LYS A 325 -10.05 33.88 21.02
C LYS A 325 -9.86 32.80 19.98
N PRO A 326 -8.70 32.75 19.35
CA PRO A 326 -8.35 31.81 18.31
C PRO A 326 -7.85 30.47 18.84
N ASP A 327 -7.33 29.66 17.92
CA ASP A 327 -6.82 28.33 18.25
C ASP A 327 -5.29 28.28 18.13
N SER A 328 -4.64 27.94 19.24
CA SER A 328 -3.23 27.85 19.37
C SER A 328 -2.48 29.11 18.92
N PRO A 329 -2.57 30.14 19.73
CA PRO A 329 -1.90 31.40 19.51
C PRO A 329 -0.39 31.19 19.39
N VAL A 330 0.29 32.06 18.65
CA VAL A 330 1.72 31.96 18.44
C VAL A 330 2.54 32.27 19.69
N ALA A 331 2.80 31.21 20.43
CA ALA A 331 3.56 31.13 21.65
C ALA A 331 3.52 29.62 22.04
N LEU A 332 2.39 29.04 21.65
CA LEU A 332 2.18 27.60 21.85
C LEU A 332 3.19 27.01 22.84
N ASN A 333 3.29 27.69 23.98
CA ASN A 333 4.18 27.37 25.05
C ASN A 333 4.07 25.94 25.58
N LYS A 334 5.17 25.21 25.40
CA LYS A 334 5.36 23.86 25.80
C LYS A 334 4.15 22.96 25.55
N ASN A 335 3.68 23.04 24.31
CA ASN A 335 2.59 22.18 23.82
C ASN A 335 3.34 21.09 22.97
N LYS A 336 4.46 21.60 22.46
CA LYS A 336 5.39 20.90 21.62
C LYS A 336 6.55 20.26 22.38
N PHE A 337 6.91 19.07 21.97
CA PHE A 337 7.85 18.12 22.41
C PHE A 337 9.31 18.49 22.50
N MET B 1 10.45 -45.76 7.39
CA MET B 1 10.70 -45.04 6.13
C MET B 1 9.46 -44.98 5.23
N THR B 2 9.59 -44.19 4.19
CA THR B 2 8.59 -43.97 3.18
C THR B 2 9.22 -43.09 2.09
N LYS B 3 8.54 -42.96 0.95
CA LYS B 3 9.15 -42.12 -0.07
C LYS B 3 8.11 -41.34 -0.84
N VAL B 4 8.36 -40.03 -0.89
CA VAL B 4 7.52 -39.10 -1.61
C VAL B 4 8.43 -38.36 -2.63
N PHE B 5 8.02 -38.41 -3.88
CA PHE B 5 8.80 -37.74 -4.93
C PHE B 5 8.00 -36.54 -5.43
N ALA B 6 8.64 -35.37 -5.52
CA ALA B 6 7.87 -34.19 -5.94
C ALA B 6 8.38 -33.59 -7.24
N TYR B 7 7.43 -33.07 -8.04
CA TYR B 7 7.76 -32.51 -9.33
C TYR B 7 7.43 -31.04 -9.50
N ALA B 8 8.21 -30.38 -10.35
CA ALA B 8 8.05 -29.01 -10.72
C ALA B 8 8.22 -28.02 -9.58
N ILE B 9 9.05 -28.31 -8.62
CA ILE B 9 9.33 -27.55 -7.43
C ILE B 9 10.13 -26.26 -7.63
N ARG B 10 9.39 -25.13 -7.51
CA ARG B 10 9.98 -23.81 -7.69
C ARG B 10 11.03 -23.59 -6.60
N LYS B 11 11.93 -22.65 -6.80
CA LYS B 11 12.92 -22.47 -5.75
C LYS B 11 12.19 -22.02 -4.47
N ASP B 12 11.19 -21.15 -4.67
CA ASP B 12 10.45 -20.60 -3.53
C ASP B 12 9.71 -21.67 -2.78
N GLU B 13 9.28 -22.72 -3.46
CA GLU B 13 8.58 -23.79 -2.73
C GLU B 13 9.67 -24.54 -1.94
N GLU B 14 10.81 -24.68 -2.56
CA GLU B 14 11.92 -25.42 -1.93
C GLU B 14 11.96 -25.27 -0.43
N PRO B 15 12.11 -24.06 0.06
CA PRO B 15 12.16 -23.65 1.42
C PRO B 15 11.07 -24.16 2.33
N PHE B 16 9.90 -24.50 1.82
CA PHE B 16 8.84 -24.99 2.72
C PHE B 16 8.80 -26.52 2.71
N LEU B 17 9.39 -27.13 1.70
CA LEU B 17 9.40 -28.60 1.58
C LEU B 17 10.09 -29.22 2.80
N ASN B 18 11.05 -28.46 3.28
CA ASN B 18 11.92 -28.79 4.38
C ASN B 18 11.34 -28.63 5.74
N GLU B 19 10.64 -27.51 5.98
CA GLU B 19 9.97 -27.33 7.28
C GLU B 19 8.96 -28.49 7.43
N TRP B 20 8.56 -29.04 6.28
CA TRP B 20 7.60 -30.15 6.28
C TRP B 20 8.36 -31.45 6.54
N LYS B 21 9.34 -31.67 5.65
CA LYS B 21 10.16 -32.88 5.84
C LYS B 21 10.71 -32.79 7.27
N GLU B 22 11.29 -31.63 7.56
CA GLU B 22 11.83 -31.35 8.88
C GLU B 22 10.85 -31.79 9.96
N ALA B 23 9.55 -31.87 9.61
CA ALA B 23 8.59 -32.34 10.64
C ALA B 23 8.46 -33.86 10.44
N HIS B 24 7.82 -34.20 9.32
CA HIS B 24 7.58 -35.59 8.96
C HIS B 24 8.88 -36.37 8.91
N LYS B 25 9.40 -36.63 10.09
CA LYS B 25 10.62 -37.32 10.35
C LYS B 25 10.82 -38.68 9.76
N ASP B 26 9.79 -39.52 9.67
CA ASP B 26 9.93 -40.87 9.15
C ASP B 26 9.79 -41.05 7.66
N ILE B 27 9.55 -40.01 6.87
CA ILE B 27 9.39 -40.16 5.44
C ILE B 27 10.51 -39.62 4.60
N ASP B 28 10.84 -40.35 3.51
CA ASP B 28 11.89 -39.79 2.62
C ASP B 28 11.06 -38.93 1.60
N VAL B 29 11.66 -37.86 1.22
CA VAL B 29 11.05 -36.92 0.28
C VAL B 29 12.09 -36.60 -0.79
N ASP B 30 11.69 -36.40 -2.03
CA ASP B 30 12.71 -36.04 -3.06
C ASP B 30 11.99 -35.36 -4.19
N TYR B 31 12.65 -34.44 -4.92
CA TYR B 31 11.89 -33.73 -5.95
C TYR B 31 12.63 -33.48 -7.23
N THR B 32 11.91 -32.98 -8.25
CA THR B 32 12.49 -32.68 -9.53
C THR B 32 12.19 -31.23 -9.98
N ASP B 33 13.03 -30.75 -10.84
CA ASP B 33 13.03 -29.43 -11.41
C ASP B 33 12.02 -29.26 -12.52
N LYS B 34 12.08 -30.22 -13.47
CA LYS B 34 11.23 -30.20 -14.63
C LYS B 34 9.88 -30.85 -14.30
N LEU B 35 8.90 -30.55 -15.16
CA LEU B 35 7.56 -31.09 -14.95
C LEU B 35 7.53 -32.60 -15.10
N LEU B 36 6.35 -33.22 -14.93
CA LEU B 36 6.29 -34.66 -15.12
C LEU B 36 5.74 -34.95 -16.52
N THR B 37 6.40 -35.89 -17.16
CA THR B 37 5.99 -36.34 -18.49
C THR B 37 6.38 -37.81 -18.56
N PRO B 38 5.74 -38.52 -19.44
CA PRO B 38 6.04 -39.97 -19.56
C PRO B 38 7.55 -40.08 -19.43
N GLU B 39 8.21 -39.13 -20.12
CA GLU B 39 9.66 -39.05 -20.08
C GLU B 39 10.17 -39.12 -18.65
N THR B 40 9.74 -38.18 -17.84
CA THR B 40 10.08 -38.02 -16.45
C THR B 40 9.43 -39.05 -15.52
N ALA B 41 8.12 -39.24 -15.70
CA ALA B 41 7.30 -40.12 -14.91
C ALA B 41 8.06 -41.28 -14.28
N LYS B 42 9.21 -41.62 -14.88
CA LYS B 42 10.01 -42.73 -14.36
C LYS B 42 10.61 -42.29 -13.00
N LEU B 43 11.23 -41.13 -13.02
CA LEU B 43 11.91 -40.48 -11.93
C LEU B 43 11.31 -40.76 -10.57
N ALA B 44 10.00 -40.68 -10.44
CA ALA B 44 9.36 -40.96 -9.15
C ALA B 44 9.39 -42.46 -8.87
N LYS B 45 10.50 -43.09 -9.24
CA LYS B 45 10.67 -44.52 -9.07
C LYS B 45 10.67 -44.96 -7.61
N GLY B 46 9.70 -45.79 -7.23
CA GLY B 46 9.61 -46.30 -5.86
C GLY B 46 8.99 -45.32 -4.90
N ALA B 47 8.85 -44.07 -5.31
CA ALA B 47 8.24 -43.07 -4.44
C ALA B 47 6.74 -43.35 -4.27
N ASP B 48 6.39 -43.87 -3.10
CA ASP B 48 5.01 -44.18 -2.77
C ASP B 48 4.02 -43.09 -3.19
N GLY B 49 4.44 -41.84 -3.26
CA GLY B 49 3.57 -40.75 -3.69
C GLY B 49 4.35 -39.76 -4.56
N VAL B 50 3.60 -38.97 -5.31
CA VAL B 50 4.19 -37.93 -6.15
C VAL B 50 3.39 -36.63 -5.94
N VAL B 51 4.10 -35.58 -5.58
CA VAL B 51 3.47 -34.27 -5.36
C VAL B 51 3.78 -33.41 -6.59
N VAL B 52 2.81 -32.65 -7.12
CA VAL B 52 3.31 -31.93 -8.33
C VAL B 52 2.38 -30.86 -8.80
N TYR B 53 2.97 -29.81 -9.34
CA TYR B 53 2.14 -28.67 -9.83
C TYR B 53 2.58 -28.42 -11.26
N GLN B 54 1.63 -28.05 -12.11
CA GLN B 54 2.03 -27.85 -13.54
C GLN B 54 0.83 -27.42 -14.36
N GLN B 55 1.04 -26.97 -15.58
CA GLN B 55 -0.05 -26.57 -16.46
C GLN B 55 -0.11 -27.53 -17.66
N LEU B 56 1.07 -28.19 -17.83
CA LEU B 56 1.12 -29.19 -18.91
C LEU B 56 0.08 -30.25 -18.51
N ASP B 57 -0.66 -30.75 -19.48
CA ASP B 57 -1.69 -31.74 -19.10
C ASP B 57 -1.02 -33.00 -18.63
N TYR B 58 -1.70 -33.71 -17.74
CA TYR B 58 -1.15 -35.03 -17.32
C TYR B 58 -1.81 -35.97 -18.36
N THR B 59 -1.32 -35.80 -19.61
CA THR B 59 -1.83 -36.50 -20.73
C THR B 59 -1.89 -38.04 -20.54
N ALA B 60 -2.94 -38.57 -21.13
CA ALA B 60 -3.41 -39.88 -21.23
C ALA B 60 -2.42 -40.98 -20.80
N ASP B 61 -1.20 -40.86 -21.27
CA ASP B 61 -0.05 -41.69 -21.09
C ASP B 61 0.87 -41.35 -19.92
N THR B 62 1.15 -40.05 -19.77
CA THR B 62 1.94 -39.58 -18.65
C THR B 62 1.62 -40.40 -17.39
N LEU B 63 0.38 -40.83 -17.29
CA LEU B 63 -0.06 -41.58 -16.11
C LEU B 63 0.61 -42.91 -15.96
N GLN B 64 0.32 -43.90 -16.78
CA GLN B 64 0.99 -45.21 -16.63
C GLN B 64 2.50 -44.96 -16.52
N ALA B 65 2.98 -44.07 -17.38
CA ALA B 65 4.43 -43.74 -17.33
C ALA B 65 4.81 -43.59 -15.85
N LEU B 66 3.81 -43.08 -15.12
CA LEU B 66 3.93 -42.91 -13.67
C LEU B 66 3.62 -44.28 -13.02
N ALA B 67 2.42 -44.75 -13.36
CA ALA B 67 1.93 -46.03 -12.88
C ALA B 67 3.04 -47.06 -12.78
N ASP B 68 3.70 -47.37 -13.90
CA ASP B 68 4.77 -48.34 -13.89
C ASP B 68 5.88 -48.11 -12.91
N ALA B 69 6.22 -46.88 -12.53
CA ALA B 69 7.34 -46.74 -11.54
C ALA B 69 6.85 -47.17 -10.15
N GLY B 70 5.54 -47.45 -10.08
CA GLY B 70 4.84 -47.93 -8.97
C GLY B 70 3.96 -47.03 -8.17
N VAL B 71 3.37 -45.98 -8.74
CA VAL B 71 2.56 -45.06 -7.93
C VAL B 71 1.28 -44.60 -8.59
N THR B 72 0.22 -44.43 -7.80
CA THR B 72 -1.05 -43.95 -8.25
C THR B 72 -1.69 -42.95 -7.27
N LYS B 73 -0.93 -42.51 -6.29
CA LYS B 73 -1.39 -41.52 -5.31
C LYS B 73 -0.73 -40.19 -5.65
N MET B 74 -1.47 -39.32 -6.33
CA MET B 74 -0.85 -38.02 -6.72
C MET B 74 -1.72 -36.87 -6.33
N SER B 75 -1.07 -35.87 -5.70
CA SER B 75 -1.81 -34.69 -5.25
C SER B 75 -1.21 -33.37 -5.73
N LEU B 76 -2.03 -32.60 -6.41
CA LEU B 76 -1.75 -31.29 -6.94
C LEU B 76 -1.54 -30.30 -5.76
N ARG B 77 -0.75 -29.27 -6.00
CA ARG B 77 -0.44 -28.22 -5.08
C ARG B 77 -1.23 -26.95 -5.45
N ASN B 78 -2.10 -27.09 -6.42
CA ASN B 78 -2.85 -25.91 -6.86
C ASN B 78 -4.31 -26.26 -7.04
N VAL B 79 -5.12 -25.25 -7.35
CA VAL B 79 -6.55 -25.50 -7.44
C VAL B 79 -7.06 -26.37 -8.55
N GLY B 80 -6.90 -26.06 -9.81
CA GLY B 80 -7.35 -26.69 -10.99
C GLY B 80 -6.96 -28.09 -11.35
N VAL B 81 -7.96 -28.90 -11.75
CA VAL B 81 -7.88 -30.25 -12.13
C VAL B 81 -8.35 -30.48 -13.57
N ASP B 82 -8.43 -29.44 -14.36
CA ASP B 82 -8.95 -29.64 -15.73
C ASP B 82 -7.83 -29.94 -16.70
N ASN B 83 -6.66 -30.28 -16.19
CA ASN B 83 -5.50 -30.64 -17.00
C ASN B 83 -5.04 -32.06 -16.64
N ILE B 84 -5.98 -32.84 -16.12
CA ILE B 84 -5.71 -34.23 -15.79
C ILE B 84 -6.67 -35.13 -16.58
N ASP B 85 -6.20 -36.31 -16.98
CA ASP B 85 -6.96 -37.27 -17.74
C ASP B 85 -7.90 -38.08 -16.83
N MET B 86 -9.06 -37.50 -16.57
CA MET B 86 -10.05 -38.08 -15.68
C MET B 86 -10.33 -39.55 -15.94
N ASP B 87 -10.64 -39.88 -17.20
CA ASP B 87 -10.95 -41.32 -17.47
C ASP B 87 -9.75 -42.18 -17.24
N LYS B 88 -8.71 -42.03 -18.09
CA LYS B 88 -7.51 -42.87 -17.83
C LYS B 88 -7.29 -42.81 -16.32
N ALA B 89 -7.30 -41.52 -15.85
CA ALA B 89 -7.07 -41.40 -14.39
C ALA B 89 -7.90 -42.51 -13.75
N LYS B 90 -9.18 -42.51 -14.17
CA LYS B 90 -10.09 -43.52 -13.67
C LYS B 90 -9.83 -44.88 -14.27
N GLU B 91 -9.69 -44.92 -15.61
CA GLU B 91 -9.42 -46.30 -16.14
C GLU B 91 -8.27 -46.82 -15.28
N LEU B 92 -7.39 -45.84 -14.94
CA LEU B 92 -6.27 -46.20 -14.07
C LEU B 92 -6.75 -46.27 -12.62
N GLY B 93 -7.77 -45.51 -12.26
CA GLY B 93 -8.21 -45.60 -10.83
C GLY B 93 -7.05 -44.99 -10.00
N PHE B 94 -6.56 -43.89 -10.55
CA PHE B 94 -5.47 -43.16 -9.85
C PHE B 94 -6.17 -42.43 -8.69
N GLN B 95 -5.49 -42.01 -7.65
CA GLN B 95 -6.12 -41.25 -6.55
C GLN B 95 -5.52 -39.85 -6.44
N ILE B 96 -6.36 -38.79 -6.61
CA ILE B 96 -5.79 -37.46 -6.53
C ILE B 96 -6.43 -36.47 -5.57
N THR B 97 -5.56 -35.49 -5.20
CA THR B 97 -5.91 -34.44 -4.28
C THR B 97 -5.58 -33.04 -4.71
N ASN B 98 -6.53 -32.15 -5.00
CA ASN B 98 -6.08 -30.78 -5.35
C ASN B 98 -5.85 -30.01 -4.05
N VAL B 99 -5.52 -28.75 -4.15
CA VAL B 99 -5.34 -27.83 -3.02
C VAL B 99 -6.13 -26.57 -3.39
N PRO B 100 -7.31 -26.40 -2.88
CA PRO B 100 -8.25 -25.40 -3.24
C PRO B 100 -8.08 -23.97 -2.82
N VAL B 101 -7.59 -23.71 -1.62
CA VAL B 101 -7.49 -22.28 -1.21
C VAL B 101 -6.08 -22.07 -0.69
N TYR B 102 -5.38 -21.05 -1.15
CA TYR B 102 -4.03 -20.73 -0.76
C TYR B 102 -4.00 -19.23 -0.33
N SER B 103 -4.34 -18.91 0.89
CA SER B 103 -4.43 -17.61 1.41
C SER B 103 -5.23 -16.57 0.58
N PRO B 104 -6.49 -16.44 0.89
CA PRO B 104 -7.40 -15.49 0.29
C PRO B 104 -7.01 -14.09 0.76
N ASN B 105 -6.26 -14.13 1.88
CA ASN B 105 -5.85 -12.83 2.43
C ASN B 105 -5.01 -12.06 1.44
N ALA B 106 -4.07 -12.75 0.84
CA ALA B 106 -3.14 -12.33 -0.14
C ALA B 106 -3.75 -11.46 -1.26
N ILE B 107 -4.95 -11.83 -1.65
CA ILE B 107 -5.65 -11.16 -2.73
C ILE B 107 -6.40 -9.95 -2.31
N ALA B 108 -6.98 -10.03 -1.10
CA ALA B 108 -7.71 -8.80 -0.61
C ALA B 108 -6.65 -7.83 -0.13
N GLU B 109 -5.50 -8.38 0.32
CA GLU B 109 -4.42 -7.47 0.70
C GLU B 109 -3.87 -6.70 -0.47
N HIS B 110 -3.52 -7.42 -1.56
CA HIS B 110 -2.95 -6.83 -2.75
C HIS B 110 -3.86 -5.82 -3.42
N ALA B 111 -5.16 -6.07 -3.35
CA ALA B 111 -6.11 -5.13 -3.98
C ALA B 111 -6.18 -3.86 -3.16
N ALA B 112 -6.40 -3.98 -1.82
CA ALA B 112 -6.45 -2.83 -0.96
C ALA B 112 -5.16 -2.00 -1.09
N ILE B 113 -4.00 -2.63 -1.17
CA ILE B 113 -2.82 -1.76 -1.29
C ILE B 113 -2.79 -1.01 -2.60
N GLN B 114 -2.92 -1.66 -3.74
CA GLN B 114 -2.94 -1.04 -5.05
C GLN B 114 -3.88 0.15 -5.17
N ALA B 115 -5.03 0.10 -4.58
CA ALA B 115 -6.06 1.14 -4.54
C ALA B 115 -5.56 2.33 -3.73
N ALA B 116 -5.14 2.03 -2.49
CA ALA B 116 -4.60 3.09 -1.65
C ALA B 116 -3.54 3.86 -2.45
N ARG B 117 -2.70 3.11 -3.15
CA ARG B 117 -1.61 3.62 -3.93
C ARG B 117 -2.05 4.61 -5.00
N VAL B 118 -3.03 4.20 -5.78
CA VAL B 118 -3.57 5.02 -6.85
C VAL B 118 -4.30 6.22 -6.26
N LEU B 119 -4.97 5.89 -5.15
CA LEU B 119 -5.71 6.91 -4.40
C LEU B 119 -4.73 8.00 -4.00
N ARG B 120 -3.52 7.56 -3.59
CA ARG B 120 -2.54 8.54 -3.15
C ARG B 120 -1.67 9.05 -4.23
N GLN B 121 -1.73 8.53 -5.45
CA GLN B 121 -0.82 9.02 -6.47
C GLN B 121 0.65 8.73 -6.20
N ASP B 122 1.01 7.62 -5.65
CA ASP B 122 2.39 7.25 -5.40
C ASP B 122 3.20 7.12 -6.67
N LYS B 123 2.80 6.35 -7.68
CA LYS B 123 3.52 6.20 -8.94
C LYS B 123 4.06 7.51 -9.51
N ARG B 124 3.23 8.51 -9.60
CA ARG B 124 3.56 9.84 -10.07
C ARG B 124 4.64 10.43 -9.19
N MET B 125 4.47 10.16 -7.87
CA MET B 125 5.55 10.69 -7.01
C MET B 125 6.82 9.92 -7.43
N ASP B 126 6.87 8.63 -7.22
CA ASP B 126 8.05 7.83 -7.56
C ASP B 126 8.58 8.15 -8.95
N GLU B 127 7.73 8.46 -9.90
CA GLU B 127 8.30 8.83 -11.26
C GLU B 127 9.08 10.15 -11.08
N LYS B 128 8.62 11.00 -10.16
CA LYS B 128 9.21 12.29 -9.90
C LYS B 128 10.60 12.16 -9.32
N MET B 129 10.75 11.45 -8.22
CA MET B 129 12.00 11.19 -7.55
C MET B 129 13.09 10.67 -8.50
N ALA B 130 12.63 9.71 -9.29
CA ALA B 130 13.51 9.08 -10.30
C ALA B 130 14.13 10.16 -11.15
N LYS B 131 13.32 11.11 -11.64
CA LYS B 131 13.92 12.19 -12.44
C LYS B 131 14.64 13.18 -11.51
N ARG B 132 14.35 13.04 -10.23
CA ARG B 132 14.84 13.83 -9.16
C ARG B 132 14.15 15.15 -8.91
N ASP B 133 12.85 15.17 -8.80
CA ASP B 133 12.13 16.47 -8.47
C ASP B 133 11.73 16.34 -7.02
N LEU B 134 12.59 16.69 -6.06
CA LEU B 134 12.29 16.43 -4.65
C LEU B 134 11.24 17.29 -4.03
N ARG B 135 10.37 17.85 -4.90
CA ARG B 135 9.26 18.66 -4.43
C ARG B 135 7.92 17.93 -4.62
N TRP B 136 7.07 18.16 -3.63
CA TRP B 136 5.76 17.52 -3.56
C TRP B 136 4.64 18.09 -4.34
N ALA B 137 4.25 19.34 -4.25
CA ALA B 137 3.11 19.91 -5.01
C ALA B 137 3.12 19.58 -6.46
N PRO B 138 2.04 19.24 -7.09
CA PRO B 138 0.71 19.08 -6.64
C PRO B 138 0.18 17.64 -6.56
N THR B 139 1.10 16.75 -6.35
CA THR B 139 0.89 15.30 -6.31
C THR B 139 0.30 14.90 -5.00
N ILE B 140 -0.80 15.60 -4.73
CA ILE B 140 -1.58 15.48 -3.51
C ILE B 140 -2.30 14.19 -3.45
N GLY B 141 -2.27 13.53 -2.30
CA GLY B 141 -2.91 12.22 -2.20
C GLY B 141 -4.31 12.29 -1.66
N ARG B 142 -5.15 11.33 -2.01
CA ARG B 142 -6.53 11.35 -1.40
C ARG B 142 -6.55 10.30 -0.28
N GLU B 143 -7.14 10.54 0.88
CA GLU B 143 -7.02 9.51 1.92
C GLU B 143 -8.03 8.40 1.76
N VAL B 144 -7.58 7.17 1.93
CA VAL B 144 -8.51 6.04 1.84
C VAL B 144 -9.64 6.30 2.86
N ARG B 145 -9.30 6.83 4.01
CA ARG B 145 -10.28 7.07 5.07
C ARG B 145 -11.45 7.92 4.61
N ASP B 146 -11.25 8.89 3.72
CA ASP B 146 -12.24 9.76 3.20
C ASP B 146 -13.12 9.20 2.07
N GLN B 147 -12.94 8.01 1.59
CA GLN B 147 -13.67 7.43 0.53
C GLN B 147 -14.81 6.51 0.88
N VAL B 148 -15.69 6.20 -0.09
CA VAL B 148 -16.75 5.25 -0.03
C VAL B 148 -16.28 4.04 -0.93
N VAL B 149 -16.07 2.94 -0.39
CA VAL B 149 -15.57 1.75 -1.10
C VAL B 149 -16.66 0.76 -1.33
N GLY B 150 -16.94 0.42 -2.58
CA GLY B 150 -17.98 -0.53 -2.93
C GLY B 150 -17.49 -1.93 -3.24
N VAL B 151 -17.74 -2.90 -2.35
CA VAL B 151 -17.33 -4.25 -2.62
C VAL B 151 -18.36 -5.04 -3.42
N VAL B 152 -18.05 -5.41 -4.66
CA VAL B 152 -18.96 -6.23 -5.43
C VAL B 152 -18.64 -7.71 -5.15
N GLY B 153 -19.44 -8.43 -4.41
CA GLY B 153 -19.05 -9.89 -4.22
C GLY B 153 -18.71 -10.01 -2.74
N THR B 154 -19.30 -10.94 -1.98
CA THR B 154 -19.00 -11.01 -0.56
C THR B 154 -18.66 -12.39 -0.04
N GLY B 155 -17.60 -12.98 -0.54
CA GLY B 155 -17.17 -14.27 -0.02
C GLY B 155 -15.80 -14.09 0.63
N HIS B 156 -15.28 -15.22 1.12
CA HIS B 156 -13.96 -15.21 1.73
C HIS B 156 -13.23 -13.94 1.33
N ILE B 157 -12.72 -13.81 0.12
CA ILE B 157 -11.95 -12.65 -0.24
C ILE B 157 -12.57 -11.29 -0.09
N GLY B 158 -13.77 -11.07 -0.62
CA GLY B 158 -14.29 -9.68 -0.62
C GLY B 158 -14.50 -9.28 0.84
N GLN B 159 -14.77 -10.37 1.62
CA GLN B 159 -15.06 -10.07 3.04
C GLN B 159 -13.83 -9.47 3.64
N VAL B 160 -12.72 -10.17 3.50
CA VAL B 160 -11.45 -9.68 4.03
C VAL B 160 -11.12 -8.30 3.51
N PHE B 161 -11.29 -8.07 2.23
CA PHE B 161 -10.96 -6.70 1.75
C PHE B 161 -11.83 -5.68 2.47
N MET B 162 -13.05 -6.12 2.86
CA MET B 162 -13.99 -5.24 3.52
C MET B 162 -13.42 -4.71 4.84
N ARG B 163 -13.02 -5.64 5.69
CA ARG B 163 -12.44 -5.37 6.99
C ARG B 163 -11.28 -4.39 6.94
N ILE B 164 -10.33 -4.61 6.03
CA ILE B 164 -9.17 -3.78 5.95
C ILE B 164 -9.51 -2.31 5.72
N MET B 165 -10.40 -2.13 4.75
CA MET B 165 -10.84 -0.79 4.35
C MET B 165 -11.51 -0.11 5.51
N GLU B 166 -12.16 -0.90 6.36
CA GLU B 166 -12.81 -0.22 7.52
C GLU B 166 -11.64 0.06 8.51
N GLY B 167 -10.60 -0.77 8.43
CA GLY B 167 -9.42 -0.47 9.29
C GLY B 167 -8.96 0.96 8.93
N PHE B 168 -8.82 1.22 7.63
CA PHE B 168 -8.54 2.55 7.13
C PHE B 168 -9.56 3.54 7.59
N GLY B 169 -10.79 3.09 7.79
CA GLY B 169 -11.94 3.91 8.19
C GLY B 169 -12.70 4.45 6.97
N ALA B 170 -12.99 3.66 5.94
CA ALA B 170 -13.71 4.16 4.79
C ALA B 170 -15.17 3.66 4.96
N LYS B 171 -16.07 4.24 4.20
CA LYS B 171 -17.47 3.80 4.28
C LYS B 171 -17.53 2.67 3.21
N VAL B 172 -17.83 1.48 3.66
CA VAL B 172 -17.93 0.32 2.87
C VAL B 172 -19.39 -0.17 2.65
N ILE B 173 -19.68 -0.23 1.38
CA ILE B 173 -20.85 -0.64 0.70
C ILE B 173 -20.54 -2.00 0.01
N ALA B 174 -21.49 -2.89 -0.03
CA ALA B 174 -21.26 -4.16 -0.76
C ALA B 174 -22.45 -4.37 -1.70
N TYR B 175 -22.47 -5.44 -2.46
CA TYR B 175 -23.52 -5.80 -3.38
C TYR B 175 -23.44 -7.27 -3.75
N ASP B 176 -24.50 -8.06 -3.64
CA ASP B 176 -24.30 -9.48 -3.95
C ASP B 176 -25.51 -10.32 -4.23
N ILE B 177 -25.37 -11.25 -5.18
CA ILE B 177 -26.39 -12.23 -5.52
C ILE B 177 -27.12 -12.68 -4.24
N PHE B 178 -26.37 -13.31 -3.37
CA PHE B 178 -26.82 -13.80 -2.09
C PHE B 178 -26.42 -12.89 -0.93
N LYS B 179 -27.24 -11.89 -0.62
CA LYS B 179 -27.03 -10.94 0.45
C LYS B 179 -26.79 -11.64 1.79
N ASN B 180 -25.58 -12.07 1.99
CA ASN B 180 -25.19 -12.75 3.26
C ASN B 180 -25.99 -12.10 4.38
N PRO B 181 -26.77 -12.90 5.07
CA PRO B 181 -27.70 -12.45 6.09
C PRO B 181 -27.00 -11.70 7.19
N GLU B 182 -25.73 -12.04 7.43
CA GLU B 182 -24.96 -11.35 8.46
C GLU B 182 -24.56 -9.95 8.09
N LEU B 183 -23.76 -9.73 7.05
CA LEU B 183 -23.40 -8.35 6.69
C LEU B 183 -24.67 -7.52 6.43
N GLU B 184 -25.55 -8.07 5.62
CA GLU B 184 -26.78 -7.40 5.27
C GLU B 184 -27.46 -6.78 6.48
N LYS B 185 -27.41 -7.42 7.63
CA LYS B 185 -28.00 -6.95 8.88
C LYS B 185 -27.37 -5.63 9.33
N LYS B 186 -26.06 -5.53 9.13
CA LYS B 186 -25.26 -4.37 9.50
C LYS B 186 -25.37 -3.25 8.46
N GLY B 187 -26.31 -3.48 7.55
CA GLY B 187 -26.70 -2.66 6.51
C GLY B 187 -25.73 -2.31 5.43
N TYR B 188 -24.72 -3.15 5.19
CA TYR B 188 -23.72 -2.89 4.15
C TYR B 188 -24.34 -2.98 2.75
N TYR B 189 -25.17 -3.99 2.47
CA TYR B 189 -25.70 -4.14 1.14
C TYR B 189 -26.42 -2.90 0.62
N VAL B 190 -26.49 -2.84 -0.67
CA VAL B 190 -27.14 -1.80 -1.49
C VAL B 190 -28.08 -2.68 -2.32
N ASP B 191 -29.23 -2.24 -2.73
CA ASP B 191 -30.18 -3.13 -3.41
C ASP B 191 -29.65 -3.52 -4.78
N SER B 192 -29.33 -2.50 -5.58
CA SER B 192 -28.83 -2.80 -6.93
C SER B 192 -27.41 -2.31 -7.14
N LEU B 193 -26.87 -2.72 -8.28
CA LEU B 193 -25.56 -2.33 -8.69
C LEU B 193 -25.45 -0.88 -9.13
N ASP B 194 -26.54 -0.30 -9.64
CA ASP B 194 -26.49 1.08 -10.15
C ASP B 194 -26.48 2.04 -8.94
N ASP B 195 -26.68 1.47 -7.77
CA ASP B 195 -26.72 2.15 -6.49
C ASP B 195 -25.25 2.47 -6.10
N LEU B 196 -24.56 1.36 -6.26
CA LEU B 196 -23.14 1.18 -6.08
C LEU B 196 -22.33 2.06 -7.02
N TYR B 197 -22.55 1.95 -8.35
CA TYR B 197 -21.85 2.73 -9.32
C TYR B 197 -22.10 4.23 -9.21
N LYS B 198 -22.61 4.73 -8.11
CA LYS B 198 -22.87 6.17 -8.10
C LYS B 198 -22.65 6.81 -6.77
N GLN B 199 -22.34 6.05 -5.75
CA GLN B 199 -22.06 6.64 -4.44
C GLN B 199 -20.63 6.26 -4.01
N ALA B 200 -20.14 5.26 -4.78
CA ALA B 200 -18.86 4.63 -4.66
C ALA B 200 -17.75 5.43 -5.42
N ASP B 201 -16.60 5.45 -4.77
CA ASP B 201 -15.43 6.20 -5.19
C ASP B 201 -14.35 5.22 -5.69
N VAL B 202 -14.23 4.20 -4.86
CA VAL B 202 -13.27 3.10 -5.21
C VAL B 202 -14.22 1.94 -5.49
N ILE B 203 -14.01 1.05 -6.43
CA ILE B 203 -14.93 -0.09 -6.58
C ILE B 203 -14.03 -1.34 -6.69
N SER B 204 -14.30 -2.35 -5.88
CA SER B 204 -13.41 -3.55 -6.02
C SER B 204 -14.14 -4.78 -6.48
N LEU B 205 -13.91 -5.32 -7.68
CA LEU B 205 -14.59 -6.50 -8.17
C LEU B 205 -14.14 -7.81 -7.55
N HIS B 206 -14.98 -8.57 -6.87
CA HIS B 206 -14.66 -9.81 -6.21
C HIS B 206 -15.75 -10.88 -6.43
N VAL B 207 -16.05 -11.08 -7.67
CA VAL B 207 -17.16 -11.95 -8.11
C VAL B 207 -16.70 -12.73 -9.29
N PRO B 208 -17.36 -13.82 -9.62
CA PRO B 208 -16.94 -14.73 -10.65
C PRO B 208 -17.21 -14.26 -12.06
N ASP B 209 -16.36 -14.74 -12.94
CA ASP B 209 -16.28 -14.59 -14.36
C ASP B 209 -17.41 -15.44 -14.99
N VAL B 210 -18.63 -15.01 -14.72
CA VAL B 210 -19.85 -15.65 -15.12
C VAL B 210 -20.41 -14.98 -16.39
N PRO B 211 -20.86 -15.80 -17.27
CA PRO B 211 -21.44 -15.38 -18.56
C PRO B 211 -22.28 -14.13 -18.34
N ALA B 212 -22.73 -13.98 -17.08
CA ALA B 212 -23.55 -12.85 -16.68
C ALA B 212 -22.69 -11.61 -16.36
N ASN B 213 -21.61 -11.83 -15.61
CA ASN B 213 -20.73 -10.75 -15.23
C ASN B 213 -19.79 -10.35 -16.34
N VAL B 214 -19.54 -11.17 -17.35
CA VAL B 214 -18.66 -10.94 -18.42
C VAL B 214 -18.73 -9.62 -19.20
N HIS B 215 -18.36 -8.53 -18.58
CA HIS B 215 -18.22 -7.20 -19.04
C HIS B 215 -19.07 -6.20 -18.26
N MET B 216 -19.15 -6.46 -16.95
CA MET B 216 -19.93 -5.53 -16.11
C MET B 216 -19.36 -4.13 -16.25
N ILE B 217 -18.03 -4.03 -16.27
CA ILE B 217 -17.53 -2.65 -16.43
C ILE B 217 -17.21 -2.42 -17.92
N ASN B 218 -18.10 -1.68 -18.53
CA ASN B 218 -18.01 -1.34 -19.97
C ASN B 218 -18.38 0.12 -20.12
N ASP B 219 -18.67 0.65 -21.29
CA ASP B 219 -18.91 2.10 -21.38
C ASP B 219 -20.15 2.57 -20.69
N LYS B 220 -21.15 1.73 -20.42
CA LYS B 220 -22.35 2.10 -19.70
C LYS B 220 -22.12 2.11 -18.17
N SER B 221 -21.49 1.05 -17.67
CA SER B 221 -21.28 0.96 -16.19
C SER B 221 -20.59 2.23 -15.71
N ILE B 222 -19.48 2.53 -16.40
CA ILE B 222 -18.71 3.72 -16.13
C ILE B 222 -19.55 4.98 -16.08
N ALA B 223 -20.18 5.35 -17.17
CA ALA B 223 -20.97 6.59 -17.13
C ALA B 223 -21.84 6.70 -15.89
N GLU B 224 -22.38 5.63 -15.33
CA GLU B 224 -23.18 5.78 -14.09
C GLU B 224 -22.24 6.39 -13.00
N MET B 225 -21.06 5.76 -13.03
CA MET B 225 -19.92 6.00 -12.23
C MET B 225 -19.70 7.47 -11.87
N LYS B 226 -19.05 7.68 -10.73
CA LYS B 226 -18.72 8.96 -10.20
C LYS B 226 -17.45 9.57 -10.80
N ASP B 227 -17.41 10.90 -10.90
CA ASP B 227 -16.14 11.49 -11.35
C ASP B 227 -15.10 11.18 -10.25
N GLY B 228 -13.91 10.84 -10.65
CA GLY B 228 -12.78 10.50 -9.84
C GLY B 228 -12.85 9.07 -9.33
N VAL B 229 -13.57 8.19 -10.02
CA VAL B 229 -13.71 6.82 -9.52
C VAL B 229 -12.37 6.12 -9.77
N VAL B 230 -12.26 5.08 -8.95
CA VAL B 230 -11.07 4.23 -8.99
C VAL B 230 -11.51 2.77 -9.07
N ILE B 231 -11.29 2.16 -10.21
CA ILE B 231 -11.63 0.76 -10.50
C ILE B 231 -10.44 -0.16 -10.20
N VAL B 232 -10.72 -1.24 -9.55
CA VAL B 232 -9.84 -2.24 -9.08
C VAL B 232 -10.28 -3.65 -9.38
N ASN B 233 -9.71 -4.26 -10.41
CA ASN B 233 -10.06 -5.66 -10.68
C ASN B 233 -8.93 -6.62 -10.37
N CYS B 234 -9.07 -7.41 -9.33
CA CYS B 234 -7.99 -8.41 -9.05
C CYS B 234 -8.62 -9.78 -9.16
N SER B 235 -9.73 -9.88 -9.94
CA SER B 235 -10.26 -11.30 -9.96
C SER B 235 -10.20 -11.88 -11.35
N ARG B 236 -11.35 -11.93 -12.04
CA ARG B 236 -11.24 -12.52 -13.43
C ARG B 236 -11.09 -11.31 -14.31
N GLY B 237 -10.59 -11.43 -15.51
CA GLY B 237 -10.39 -10.26 -16.36
C GLY B 237 -11.58 -9.91 -17.22
N ARG B 238 -12.15 -10.88 -17.91
CA ARG B 238 -13.32 -10.69 -18.73
C ARG B 238 -14.36 -9.78 -18.13
N LEU B 239 -14.43 -9.53 -16.87
CA LEU B 239 -15.31 -8.66 -16.16
C LEU B 239 -15.22 -7.19 -16.55
N VAL B 240 -14.06 -6.70 -16.94
CA VAL B 240 -13.80 -5.33 -17.31
C VAL B 240 -13.73 -5.23 -18.86
N ASP B 241 -13.96 -4.03 -19.34
CA ASP B 241 -13.92 -3.83 -20.83
C ASP B 241 -12.75 -2.87 -21.07
N THR B 242 -11.53 -3.44 -21.09
CA THR B 242 -10.37 -2.62 -21.25
C THR B 242 -10.58 -1.38 -22.08
N ASP B 243 -11.24 -1.48 -23.24
CA ASP B 243 -11.38 -0.22 -24.04
C ASP B 243 -12.35 0.68 -23.37
N ALA B 244 -13.29 0.06 -22.63
CA ALA B 244 -14.23 0.98 -21.92
C ALA B 244 -13.36 1.88 -21.03
N VAL B 245 -12.63 1.24 -20.11
CA VAL B 245 -11.75 1.82 -19.13
C VAL B 245 -10.79 2.85 -19.70
N ILE B 246 -10.06 2.56 -20.75
CA ILE B 246 -9.10 3.53 -21.29
C ILE B 246 -9.78 4.80 -21.72
N ARG B 247 -11.02 4.56 -22.27
CA ARG B 247 -11.78 5.74 -22.75
C ARG B 247 -12.13 6.56 -21.51
N GLY B 248 -12.51 5.83 -20.47
CA GLY B 248 -12.85 6.53 -19.21
C GLY B 248 -11.60 7.15 -18.62
N LEU B 249 -10.47 6.45 -18.80
CA LEU B 249 -9.20 7.00 -18.22
C LEU B 249 -8.82 8.24 -19.04
N ASP B 250 -8.98 8.12 -20.35
CA ASP B 250 -8.71 9.16 -21.30
C ASP B 250 -9.55 10.45 -21.12
N SER B 251 -10.83 10.32 -20.90
CA SER B 251 -11.79 11.37 -20.71
C SER B 251 -11.56 12.08 -19.38
N GLY B 252 -11.21 11.20 -18.42
CA GLY B 252 -10.93 11.71 -17.06
C GLY B 252 -12.00 11.26 -16.10
N LYS B 253 -13.01 10.55 -16.67
CA LYS B 253 -14.04 10.06 -15.72
C LYS B 253 -13.25 9.17 -14.75
N ILE B 254 -12.22 8.43 -15.25
CA ILE B 254 -11.48 7.60 -14.32
C ILE B 254 -10.18 8.17 -13.78
N PHE B 255 -10.11 8.18 -12.42
CA PHE B 255 -8.99 8.64 -11.65
C PHE B 255 -7.84 7.64 -11.77
N GLY B 256 -8.16 6.38 -11.48
CA GLY B 256 -7.18 5.32 -11.60
C GLY B 256 -7.82 3.96 -11.80
N PHE B 257 -7.10 3.02 -12.27
CA PHE B 257 -7.61 1.65 -12.53
C PHE B 257 -6.56 0.74 -11.96
N VAL B 258 -6.76 -0.42 -11.47
CA VAL B 258 -5.58 -1.24 -10.95
C VAL B 258 -5.77 -2.60 -11.58
N MET B 259 -4.83 -3.24 -12.24
CA MET B 259 -5.18 -4.56 -12.87
C MET B 259 -4.27 -5.69 -12.52
N ASP B 260 -4.70 -6.84 -12.03
CA ASP B 260 -3.84 -7.97 -11.72
C ASP B 260 -4.28 -9.14 -12.65
N THR B 261 -5.42 -8.86 -13.31
CA THR B 261 -6.09 -9.62 -14.28
C THR B 261 -6.48 -8.84 -15.56
N TYR B 262 -6.22 -9.54 -16.66
CA TYR B 262 -6.42 -9.08 -18.03
C TYR B 262 -7.03 -10.18 -18.90
N GLU B 263 -8.07 -9.79 -19.64
CA GLU B 263 -8.72 -10.78 -20.50
C GLU B 263 -7.83 -11.24 -21.62
N ASP B 264 -7.11 -10.34 -22.28
CA ASP B 264 -6.24 -10.83 -23.37
C ASP B 264 -4.85 -11.16 -22.83
N GLU B 265 -4.78 -11.71 -21.63
CA GLU B 265 -3.65 -12.10 -20.88
C GLU B 265 -3.12 -13.48 -21.12
N VAL B 266 -3.93 -14.52 -21.36
CA VAL B 266 -3.34 -15.86 -21.57
C VAL B 266 -2.42 -15.70 -22.81
N GLY B 267 -1.21 -16.19 -22.66
CA GLY B 267 -0.25 -16.06 -23.72
C GLY B 267 0.73 -14.93 -23.40
N VAL B 268 0.29 -13.75 -23.02
CA VAL B 268 1.29 -12.67 -22.73
C VAL B 268 1.90 -12.71 -21.34
N PHE B 269 1.06 -12.61 -20.31
CA PHE B 269 1.46 -12.68 -18.91
C PHE B 269 2.32 -13.93 -18.68
N ASN B 270 3.14 -13.94 -17.67
CA ASN B 270 4.01 -15.04 -17.36
C ASN B 270 5.00 -15.30 -18.47
N LYS B 271 5.20 -14.33 -19.38
CA LYS B 271 6.24 -14.56 -20.42
C LYS B 271 7.35 -13.52 -20.25
N ASP B 272 8.64 -13.93 -20.39
CA ASP B 272 9.66 -12.86 -20.29
C ASP B 272 9.79 -12.21 -21.66
N TRP B 273 9.16 -11.08 -21.90
CA TRP B 273 9.21 -10.49 -23.25
C TRP B 273 10.39 -9.54 -23.41
N GLU B 274 11.23 -9.49 -22.38
CA GLU B 274 12.37 -8.58 -22.45
C GLU B 274 13.30 -8.83 -23.63
N GLY B 275 13.43 -7.78 -24.47
CA GLY B 275 14.34 -7.91 -25.60
C GLY B 275 13.71 -8.61 -26.78
N LYS B 276 12.42 -8.93 -26.68
CA LYS B 276 11.68 -9.49 -27.81
C LYS B 276 10.65 -8.42 -28.17
N GLU B 277 9.92 -8.65 -29.23
CA GLU B 277 8.87 -7.62 -29.55
C GLU B 277 7.68 -7.81 -28.63
N PHE B 278 7.20 -6.67 -28.05
CA PHE B 278 6.05 -6.86 -27.14
C PHE B 278 4.78 -7.07 -27.96
N PRO B 279 4.22 -8.26 -27.71
CA PRO B 279 3.07 -8.82 -28.24
C PRO B 279 1.75 -8.09 -28.20
N ASP B 280 1.44 -7.30 -27.20
CA ASP B 280 0.16 -6.61 -27.01
C ASP B 280 0.31 -5.15 -26.69
N LYS B 281 -0.08 -4.23 -27.56
CA LYS B 281 0.11 -2.81 -27.31
C LYS B 281 -0.86 -2.15 -26.38
N ARG B 282 -2.11 -2.50 -26.14
CA ARG B 282 -2.80 -1.65 -25.06
C ARG B 282 -2.16 -2.15 -23.75
N LEU B 283 -2.20 -3.51 -23.62
CA LEU B 283 -1.58 -4.07 -22.42
C LEU B 283 -0.36 -3.22 -22.04
N ALA B 284 0.54 -2.96 -22.96
CA ALA B 284 1.71 -2.16 -22.57
C ALA B 284 1.33 -0.73 -22.32
N ASP B 285 0.64 -0.05 -23.18
CA ASP B 285 0.25 1.38 -22.97
C ASP B 285 -0.28 1.58 -21.55
N LEU B 286 -1.05 0.51 -21.16
CA LEU B 286 -1.58 0.46 -19.83
C LEU B 286 -0.45 0.27 -18.82
N ILE B 287 0.37 -0.79 -18.97
CA ILE B 287 1.40 -1.05 -17.99
C ILE B 287 2.06 0.28 -17.56
N ASP B 288 2.34 1.14 -18.46
CA ASP B 288 3.00 2.41 -18.28
C ASP B 288 2.11 3.62 -18.01
N ARG B 289 0.83 3.58 -17.82
CA ARG B 289 -0.02 4.80 -17.58
C ARG B 289 0.22 5.35 -16.19
N PRO B 290 0.57 6.60 -16.02
CA PRO B 290 0.96 7.22 -14.78
C PRO B 290 0.15 6.74 -13.61
N ASN B 291 -1.13 6.47 -13.99
CA ASN B 291 -2.10 6.10 -12.96
C ASN B 291 -2.65 4.72 -13.05
N VAL B 292 -2.15 3.88 -13.89
CA VAL B 292 -2.68 2.45 -13.85
C VAL B 292 -1.71 1.70 -12.98
N LEU B 293 -2.00 0.54 -12.44
CA LEU B 293 -1.04 -0.27 -11.74
C LEU B 293 -1.20 -1.70 -12.37
N VAL B 294 -0.34 -2.04 -13.32
CA VAL B 294 -0.49 -3.43 -13.81
C VAL B 294 0.49 -4.31 -13.04
N THR B 295 0.11 -5.49 -12.76
CA THR B 295 0.77 -6.60 -12.13
C THR B 295 0.23 -7.85 -12.84
N PRO B 296 1.04 -8.84 -13.02
CA PRO B 296 0.72 -10.05 -13.74
C PRO B 296 0.10 -11.15 -12.92
N HIS B 297 -1.16 -11.12 -12.65
CA HIS B 297 -1.86 -12.16 -11.89
C HIS B 297 -0.97 -12.61 -10.73
N THR B 298 -0.84 -11.61 -9.84
CA THR B 298 0.10 -11.83 -8.74
C THR B 298 -0.49 -11.70 -7.40
N ALA B 299 -1.83 -11.45 -7.39
CA ALA B 299 -2.45 -11.21 -6.09
C ALA B 299 -2.28 -12.35 -5.16
N PHE B 300 -2.00 -13.56 -5.57
CA PHE B 300 -1.86 -14.70 -4.72
C PHE B 300 -0.45 -15.08 -4.36
N TYR B 301 0.50 -14.47 -5.02
CA TYR B 301 1.92 -14.83 -4.84
C TYR B 301 2.48 -14.32 -3.55
N THR B 302 2.29 -15.18 -2.53
CA THR B 302 2.70 -14.84 -1.18
C THR B 302 3.33 -15.94 -0.41
N THR B 303 4.13 -15.60 0.54
CA THR B 303 4.80 -16.64 1.37
C THR B 303 3.87 -17.62 1.98
N HIS B 304 2.69 -17.18 2.41
CA HIS B 304 1.65 -17.98 3.06
C HIS B 304 0.99 -18.95 2.08
N ALA B 305 0.64 -18.50 0.91
CA ALA B 305 -0.05 -19.29 -0.12
C ALA B 305 0.84 -20.45 -0.53
N VAL B 306 1.96 -20.11 -1.18
CA VAL B 306 2.95 -21.06 -1.62
C VAL B 306 3.32 -22.02 -0.50
N ARG B 307 3.05 -21.63 0.75
CA ARG B 307 3.39 -22.48 1.86
C ARG B 307 2.32 -23.57 2.05
N ASN B 308 1.06 -23.20 1.93
CA ASN B 308 -0.05 -24.13 2.03
C ASN B 308 -0.04 -25.03 0.77
N MET B 309 0.32 -24.36 -0.34
CA MET B 309 0.38 -25.10 -1.62
C MET B 309 1.15 -26.38 -1.40
N VAL B 310 2.38 -26.27 -0.93
CA VAL B 310 3.23 -27.41 -0.62
C VAL B 310 2.67 -28.26 0.51
N VAL B 311 2.70 -27.69 1.70
CA VAL B 311 2.22 -28.24 2.95
C VAL B 311 0.85 -28.89 2.81
N LYS B 312 -0.15 -28.10 2.36
CA LYS B 312 -1.45 -28.73 2.18
C LYS B 312 -1.30 -29.91 1.22
N ALA B 313 -0.43 -29.75 0.22
CA ALA B 313 -0.20 -30.80 -0.78
C ALA B 313 0.45 -32.04 -0.18
N PHE B 314 1.67 -31.94 0.34
CA PHE B 314 2.28 -33.12 0.94
C PHE B 314 1.36 -33.76 1.96
N ASN B 315 0.76 -32.96 2.85
CA ASN B 315 -0.14 -33.53 3.85
C ASN B 315 -1.03 -34.58 3.19
N ASN B 316 -2.16 -34.06 2.71
CA ASN B 316 -3.20 -34.77 2.03
C ASN B 316 -2.72 -35.99 1.24
N ASN B 317 -1.52 -35.86 0.67
CA ASN B 317 -0.95 -36.95 -0.11
C ASN B 317 -0.52 -38.05 0.88
N LEU B 318 0.15 -37.62 1.95
CA LEU B 318 0.56 -38.63 2.96
C LEU B 318 -0.69 -39.39 3.41
N LYS B 319 -1.81 -38.65 3.53
CA LYS B 319 -3.06 -39.36 3.89
C LYS B 319 -3.36 -40.38 2.78
N LEU B 320 -2.74 -40.16 1.62
CA LEU B 320 -2.93 -41.07 0.48
C LEU B 320 -2.04 -42.30 0.64
N ILE B 321 -0.75 -42.11 0.84
CA ILE B 321 0.23 -43.14 1.03
C ILE B 321 -0.08 -44.01 2.27
N ASN B 322 -0.37 -43.31 3.35
CA ASN B 322 -0.73 -43.87 4.65
C ASN B 322 -2.07 -44.62 4.54
N GLY B 323 -2.99 -44.02 3.78
CA GLY B 323 -4.30 -44.64 3.60
C GLY B 323 -5.25 -44.14 4.68
N GLU B 324 -5.64 -42.90 4.51
CA GLU B 324 -6.56 -42.20 5.39
C GLU B 324 -7.52 -41.36 4.52
N LYS B 325 -8.43 -40.70 5.20
CA LYS B 325 -9.37 -39.82 4.45
C LYS B 325 -8.75 -38.41 4.57
N PRO B 326 -8.25 -37.93 3.47
CA PRO B 326 -7.56 -36.65 3.34
C PRO B 326 -8.47 -35.57 2.83
N ASP B 327 -7.93 -34.37 2.66
CA ASP B 327 -8.67 -33.23 2.20
C ASP B 327 -8.64 -32.91 0.73
N SER B 328 -9.86 -32.90 0.14
CA SER B 328 -10.04 -32.53 -1.24
C SER B 328 -9.94 -33.60 -2.27
N PRO B 329 -10.47 -34.78 -2.03
CA PRO B 329 -10.44 -35.84 -3.06
C PRO B 329 -11.02 -35.24 -4.34
N VAL B 330 -10.28 -35.35 -5.43
CA VAL B 330 -10.83 -34.84 -6.71
C VAL B 330 -11.59 -36.02 -7.33
N ALA B 331 -12.91 -35.93 -7.37
CA ALA B 331 -13.73 -37.01 -7.92
C ALA B 331 -13.82 -36.88 -9.45
N LEU B 332 -13.60 -37.99 -10.16
CA LEU B 332 -13.62 -37.98 -11.59
C LEU B 332 -14.97 -37.54 -12.19
N ASN B 333 -15.06 -36.21 -12.29
CA ASN B 333 -16.21 -35.53 -12.90
C ASN B 333 -15.77 -35.27 -14.36
N LYS B 334 -16.04 -36.24 -15.21
CA LYS B 334 -15.66 -36.27 -16.60
C LYS B 334 -15.47 -34.93 -17.25
N ASN B 335 -16.44 -34.03 -17.16
CA ASN B 335 -16.42 -32.74 -17.76
C ASN B 335 -15.47 -31.72 -17.16
N LYS B 336 -14.26 -31.66 -17.73
CA LYS B 336 -13.27 -30.69 -17.27
C LYS B 336 -13.54 -29.35 -18.01
N PHE B 337 -14.53 -28.65 -17.49
CA PHE B 337 -15.11 -27.41 -17.82
C PHE B 337 -16.37 -27.19 -16.89
#